data_6LB9
#
_entry.id   6LB9
#
_cell.length_a   57.248
_cell.length_b   80.249
_cell.length_c   146.022
_cell.angle_alpha   90.000
_cell.angle_beta   90.000
_cell.angle_gamma   90.000
#
_symmetry.space_group_name_H-M   'P 21 21 21'
#
loop_
_entity.id
_entity.type
_entity.pdbx_description
1 polymer 'DUF4007 domain-containing protein'
2 non-polymer 'MAGNESIUM ION'
3 water water
#
_entity_poly.entity_id   1
_entity_poly.type   'polypeptide(L)'
_entity_poly.pdbx_seq_one_letter_code
;MSDSRLAEAAHSSFARHETFAPRFGWLHKAYMQVQSNPEAFLADDAPVQLGVGKNMVYAMRYWSRAFKLTREHYGDDTNS
RAMLSYPTWEARWLLDEDGADPYLEELGSLWLLHWWLLSSRPGTKSWAPSWYVAFHLAPFSRFTLADLTQVIVRHVNLSF
PEGPVEASIAKDVDCITKMYVPAQRLRGGAPGAFEDLLSCPFRELGLMEQVGQRGSSEWEFTSGSRPSLPARIIAYACLD
YAARTTRNAGSISLARLANEPGAPGRAFRIREADIAAALEKVAASHQELQLVEAVGQRSLTFTSGPFDLAWDVLDEQYDN
VRSRPNFPTREDWARRYPKLAEAEKRELKQLDIIDPQLALTEETV
;
_entity_poly.pdbx_strand_id   A,B
#
# COMPACT_ATOMS: atom_id res chain seq x y z
N ASP A 3 -7.00 -21.75 31.44
CA ASP A 3 -6.68 -21.41 30.06
C ASP A 3 -6.01 -20.05 30.02
N SER A 4 -4.81 -19.98 30.61
CA SER A 4 -4.09 -18.72 30.78
C SER A 4 -3.30 -18.33 29.54
N ARG A 5 -3.52 -19.00 28.41
CA ARG A 5 -2.63 -18.82 27.27
C ARG A 5 -2.66 -17.38 26.76
N LEU A 6 -3.85 -16.77 26.73
CA LEU A 6 -3.98 -15.42 26.20
C LEU A 6 -3.39 -14.39 27.17
N ALA A 7 -3.59 -14.60 28.47
CA ALA A 7 -3.08 -13.66 29.46
C ALA A 7 -1.55 -13.60 29.42
N GLU A 8 -0.89 -14.75 29.25
CA GLU A 8 0.55 -14.75 29.19
C GLU A 8 1.06 -14.15 27.91
N ALA A 9 0.25 -14.17 26.86
CA ALA A 9 0.71 -13.72 25.55
C ALA A 9 0.40 -12.26 25.27
N ALA A 10 -0.69 -11.70 25.82
CA ALA A 10 -1.21 -10.41 25.38
C ALA A 10 -1.58 -9.50 26.55
N HIS A 11 -1.44 -8.19 26.34
CA HIS A 11 -2.04 -7.22 27.25
C HIS A 11 -3.55 -7.15 27.04
N SER A 12 -4.23 -6.68 28.07
CA SER A 12 -5.67 -6.35 28.03
C SER A 12 -5.90 -5.02 27.29
N SER A 13 -5.89 -5.08 25.97
CA SER A 13 -6.08 -3.88 25.16
C SER A 13 -7.06 -4.17 24.03
N PHE A 14 -8.19 -3.47 24.00
CA PHE A 14 -9.25 -3.73 23.03
C PHE A 14 -9.80 -2.44 22.43
N ALA A 15 -9.95 -2.43 21.10
CA ALA A 15 -10.61 -1.35 20.37
C ALA A 15 -9.92 0.01 20.51
N ARG A 16 -8.67 0.08 20.95
CA ARG A 16 -8.05 1.41 21.07
C ARG A 16 -7.82 2.05 19.69
N HIS A 17 -7.74 1.23 18.64
CA HIS A 17 -7.63 1.69 17.27
C HIS A 17 -8.93 2.32 16.75
N GLU A 18 -10.03 2.23 17.51
CA GLU A 18 -11.32 2.78 17.10
C GLU A 18 -11.76 2.27 15.73
N THR A 19 -11.39 1.02 15.42
CA THR A 19 -11.68 0.32 14.16
C THR A 19 -10.97 0.91 12.95
N PHE A 20 -9.98 1.77 13.14
CA PHE A 20 -9.10 2.16 12.05
C PHE A 20 -8.05 1.06 11.81
N ALA A 21 -8.01 0.51 10.59
CA ALA A 21 -6.94 -0.41 10.22
C ALA A 21 -5.62 0.33 10.03
N PRO A 22 -4.48 -0.36 10.13
CA PRO A 22 -3.17 0.31 10.00
C PRO A 22 -3.00 1.01 8.66
N ARG A 23 -2.23 2.11 8.67
CA ARG A 23 -1.88 2.86 7.48
C ARG A 23 -0.37 3.04 7.41
N PHE A 24 0.18 2.89 6.21
CA PHE A 24 1.62 3.10 6.10
C PHE A 24 2.01 4.51 6.53
N GLY A 25 1.23 5.53 6.14
CA GLY A 25 1.57 6.89 6.54
C GLY A 25 1.61 7.05 8.05
N TRP A 26 0.77 6.30 8.76
CA TRP A 26 0.74 6.39 10.21
C TRP A 26 2.00 5.82 10.81
N LEU A 27 2.44 4.64 10.33
CA LEU A 27 3.69 4.06 10.80
C LEU A 27 4.86 5.00 10.52
N HIS A 28 4.92 5.55 9.30
CA HIS A 28 6.07 6.33 8.86
C HIS A 28 6.15 7.68 9.60
N LYS A 29 5.04 8.41 9.65
CA LYS A 29 5.08 9.72 10.31
C LYS A 29 5.26 9.59 11.80
N ALA A 30 4.61 8.60 12.43
CA ALA A 30 4.80 8.41 13.86
C ALA A 30 6.26 8.16 14.20
N TYR A 31 6.95 7.33 13.38
CA TYR A 31 8.39 7.13 13.56
C TYR A 31 9.16 8.44 13.39
N MET A 32 8.85 9.22 12.35
CA MET A 32 9.63 10.43 12.08
C MET A 32 9.56 11.40 13.26
N GLN A 33 8.40 11.48 13.91
CA GLN A 33 8.10 12.40 14.99
C GLN A 33 8.53 11.89 16.37
N VAL A 34 8.23 10.62 16.68
CA VAL A 34 8.56 10.09 18.01
C VAL A 34 10.07 10.01 18.21
N GLN A 35 10.82 9.96 17.11
CA GLN A 35 12.28 9.93 17.13
C GLN A 35 12.85 11.04 18.00
N SER A 36 12.29 12.22 17.88
CA SER A 36 12.83 13.35 18.60
C SER A 36 11.86 13.90 19.63
N ASN A 37 10.59 13.47 19.64
CA ASN A 37 9.55 14.04 20.50
C ASN A 37 8.81 12.94 21.24
N PRO A 38 9.22 12.63 22.47
CA PRO A 38 8.47 11.64 23.26
C PRO A 38 7.01 12.01 23.50
N GLU A 39 6.64 13.29 23.30
CA GLU A 39 5.28 13.72 23.47
C GLU A 39 4.53 13.87 22.15
N ALA A 40 5.00 13.21 21.08
CA ALA A 40 4.39 13.40 19.77
C ALA A 40 2.88 13.14 19.78
N PHE A 41 2.40 12.20 20.58
CA PHE A 41 0.99 11.83 20.56
C PHE A 41 0.16 12.57 21.61
N LEU A 42 0.80 13.34 22.49
CA LEU A 42 0.14 13.98 23.61
C LEU A 42 0.06 15.49 23.46
N ALA A 43 0.71 16.07 22.46
CA ALA A 43 0.81 17.51 22.37
C ALA A 43 -0.50 18.12 21.87
N ASP A 44 -0.74 19.37 22.29
CA ASP A 44 -1.86 20.16 21.79
C ASP A 44 -1.89 20.20 20.27
N ASP A 45 -0.72 20.31 19.64
CA ASP A 45 -0.61 20.43 18.19
C ASP A 45 -0.42 19.07 17.48
N ALA A 46 -0.70 17.97 18.17
CA ALA A 46 -0.50 16.64 17.57
C ALA A 46 -1.18 16.48 16.22
N PRO A 47 -2.48 16.79 16.04
CA PRO A 47 -3.09 16.58 14.72
C PRO A 47 -2.34 17.23 13.57
N VAL A 48 -1.87 18.47 13.75
CA VAL A 48 -1.19 19.16 12.67
C VAL A 48 0.23 18.63 12.48
N GLN A 49 0.96 18.43 13.57
CA GLN A 49 2.33 17.96 13.40
C GLN A 49 2.40 16.51 12.92
N LEU A 50 1.41 15.68 13.23
CA LEU A 50 1.36 14.30 12.73
C LEU A 50 0.58 14.17 11.42
N GLY A 51 -0.06 15.25 10.97
CA GLY A 51 -0.84 15.26 9.73
C GLY A 51 -2.08 14.37 9.73
N VAL A 52 -2.86 14.37 10.81
CA VAL A 52 -4.03 13.51 10.93
C VAL A 52 -5.13 14.26 11.67
N GLY A 53 -6.35 13.74 11.55
CA GLY A 53 -7.45 14.29 12.34
C GLY A 53 -7.34 13.94 13.81
N LYS A 54 -7.93 14.82 14.64
CA LYS A 54 -7.89 14.63 16.10
C LYS A 54 -8.42 13.25 16.50
N ASN A 55 -9.41 12.73 15.77
CA ASN A 55 -9.97 11.42 16.05
C ASN A 55 -9.05 10.26 15.63
N MET A 56 -7.89 10.52 15.04
CA MET A 56 -6.97 9.48 14.57
C MET A 56 -5.67 9.40 15.37
N VAL A 57 -5.39 10.39 16.22
CA VAL A 57 -4.09 10.46 16.90
C VAL A 57 -3.89 9.22 17.78
N TYR A 58 -4.91 8.84 18.54
CA TYR A 58 -4.68 7.71 19.44
C TYR A 58 -4.56 6.39 18.68
N ALA A 59 -5.36 6.21 17.63
CA ALA A 59 -5.24 5.03 16.77
C ALA A 59 -3.82 4.89 16.24
N MET A 60 -3.27 6.01 15.78
CA MET A 60 -1.89 6.06 15.28
C MET A 60 -0.89 5.73 16.38
N ARG A 61 -1.08 6.30 17.57
CA ARG A 61 -0.21 5.97 18.70
C ARG A 61 -0.31 4.48 19.04
N TYR A 62 -1.53 3.95 19.05
CA TYR A 62 -1.74 2.53 19.35
C TYR A 62 -1.01 1.63 18.35
N TRP A 63 -1.16 1.90 17.05
CA TRP A 63 -0.58 0.98 16.06
C TRP A 63 0.94 0.95 16.18
N SER A 64 1.56 2.09 16.50
CA SER A 64 3.01 2.12 16.70
C SER A 64 3.43 1.18 17.83
N ARG A 65 2.69 1.20 18.94
CA ARG A 65 3.00 0.32 20.07
C ARG A 65 2.74 -1.14 19.70
N ALA A 66 1.61 -1.41 19.04
CA ALA A 66 1.21 -2.78 18.77
C ALA A 66 2.20 -3.47 17.83
N PHE A 67 2.70 -2.76 16.80
CA PHE A 67 3.73 -3.31 15.92
C PHE A 67 5.14 -3.32 16.55
N LYS A 68 5.28 -3.09 17.86
CA LYS A 68 6.59 -3.04 18.52
C LYS A 68 7.50 -1.98 17.90
N LEU A 69 6.91 -0.90 17.37
CA LEU A 69 7.65 0.23 16.81
C LEU A 69 7.94 1.30 17.85
N THR A 70 7.16 1.33 18.93
CA THR A 70 7.44 2.16 20.08
C THR A 70 7.22 1.36 21.35
N ARG A 71 7.79 1.90 22.43
CA ARG A 71 7.46 1.54 23.80
C ARG A 71 7.03 2.81 24.53
N GLU A 72 6.30 2.62 25.64
CA GLU A 72 5.77 3.73 26.40
C GLU A 72 6.21 3.64 27.87
N HIS A 73 6.45 4.79 28.47
CA HIS A 73 6.88 4.87 29.86
C HIS A 73 6.69 6.29 30.33
N TYR A 74 6.55 6.43 31.66
CA TYR A 74 6.49 7.77 32.25
C TYR A 74 7.74 8.55 31.89
N GLY A 75 7.55 9.86 31.65
CA GLY A 75 8.66 10.75 31.48
C GLY A 75 9.35 11.06 32.80
N ASP A 76 10.41 11.85 32.72
CA ASP A 76 11.26 12.20 33.85
C ASP A 76 10.69 13.41 34.58
N ASP A 77 9.39 13.58 34.43
CA ASP A 77 8.69 14.82 34.70
C ASP A 77 7.82 14.58 35.93
N THR A 78 8.21 15.16 37.07
CA THR A 78 7.65 14.77 38.36
C THR A 78 6.16 15.08 38.43
N ASN A 79 5.44 14.27 39.21
CA ASN A 79 4.00 14.40 39.42
C ASN A 79 3.24 14.39 38.10
N SER A 80 3.65 13.50 37.19
CA SER A 80 2.94 13.29 35.93
C SER A 80 2.83 11.79 35.67
N ARG A 81 1.63 11.38 35.24
CA ARG A 81 1.35 9.98 34.94
C ARG A 81 1.26 9.70 33.43
N ALA A 82 1.46 10.72 32.60
CA ALA A 82 1.30 10.57 31.16
C ALA A 82 2.35 9.61 30.59
N MET A 83 1.89 8.70 29.74
CA MET A 83 2.77 7.69 29.14
C MET A 83 3.34 8.23 27.84
N LEU A 84 4.63 8.55 27.86
CA LEU A 84 5.38 9.07 26.73
C LEU A 84 5.87 7.94 25.81
N SER A 85 6.13 8.24 24.53
CA SER A 85 6.48 7.21 23.54
C SER A 85 7.94 7.33 23.11
N TYR A 86 8.56 6.17 22.85
CA TYR A 86 9.96 6.09 22.45
C TYR A 86 10.10 5.06 21.34
N PRO A 87 10.81 5.39 20.27
CA PRO A 87 10.95 4.44 19.13
C PRO A 87 11.86 3.28 19.51
N THR A 88 11.49 2.06 19.06
CA THR A 88 12.31 0.89 19.33
C THR A 88 13.45 0.77 18.32
N TRP A 89 14.45 -0.04 18.69
CA TRP A 89 15.55 -0.32 17.78
C TRP A 89 15.05 -1.01 16.51
N GLU A 90 14.03 -1.86 16.66
CA GLU A 90 13.41 -2.48 15.51
C GLU A 90 12.86 -1.45 14.54
N ALA A 91 12.24 -0.39 15.07
CA ALA A 91 11.71 0.67 14.21
C ALA A 91 12.83 1.42 13.51
N ARG A 92 13.95 1.67 14.20
CA ARG A 92 15.10 2.32 13.56
C ARG A 92 15.64 1.46 12.43
N TRP A 93 15.63 0.14 12.62
CA TRP A 93 16.16 -0.78 11.62
C TRP A 93 15.27 -0.85 10.39
N LEU A 94 13.95 -0.84 10.59
CA LEU A 94 13.00 -1.04 9.48
C LEU A 94 12.62 0.26 8.79
N LEU A 95 12.23 1.29 9.57
CA LEU A 95 11.49 2.44 9.06
C LEU A 95 12.34 3.66 8.76
N ASP A 96 13.56 3.73 9.26
CA ASP A 96 14.42 4.87 8.96
C ASP A 96 14.74 4.91 7.47
N GLU A 97 14.89 6.13 6.94
CA GLU A 97 15.32 6.31 5.55
C GLU A 97 16.59 5.52 5.24
N ASP A 98 17.43 5.31 6.25
CA ASP A 98 18.63 4.49 6.14
C ASP A 98 18.36 3.00 6.38
N GLY A 99 17.13 2.63 6.73
CA GLY A 99 16.81 1.30 7.23
C GLY A 99 16.48 0.26 6.17
N ALA A 100 15.83 -0.82 6.62
CA ALA A 100 15.61 -1.99 5.77
C ALA A 100 14.63 -1.68 4.64
N ASP A 101 13.47 -1.10 4.98
CA ASP A 101 12.40 -0.92 3.99
C ASP A 101 11.48 0.21 4.45
N PRO A 102 11.96 1.46 4.43
CA PRO A 102 11.17 2.58 5.01
C PRO A 102 9.81 2.77 4.36
N TYR A 103 9.62 2.38 3.11
CA TYR A 103 8.36 2.59 2.41
C TYR A 103 7.57 1.30 2.21
N LEU A 104 7.95 0.25 2.95
CA LEU A 104 7.29 -1.07 2.87
C LEU A 104 7.12 -1.51 1.43
N GLU A 105 8.22 -1.46 0.68
CA GLU A 105 8.19 -1.82 -0.73
C GLU A 105 8.13 -3.33 -0.96
N GLU A 106 8.65 -4.12 -0.02
CA GLU A 106 8.70 -5.56 -0.19
C GLU A 106 7.62 -6.20 0.68
N LEU A 107 6.93 -7.20 0.12
CA LEU A 107 5.85 -7.82 0.89
C LEU A 107 6.37 -8.56 2.12
N GLY A 108 7.63 -8.98 2.14
CA GLY A 108 8.20 -9.58 3.34
C GLY A 108 8.20 -8.65 4.54
N SER A 109 8.30 -7.34 4.31
CA SER A 109 8.19 -6.38 5.41
C SER A 109 6.81 -6.39 6.04
N LEU A 110 5.76 -6.60 5.24
CA LEU A 110 4.41 -6.68 5.80
C LEU A 110 4.21 -7.98 6.58
N TRP A 111 4.64 -9.13 6.00
CA TRP A 111 4.67 -10.38 6.76
C TRP A 111 5.37 -10.16 8.11
N LEU A 112 6.50 -9.45 8.09
CA LEU A 112 7.27 -9.22 9.30
C LEU A 112 6.49 -8.37 10.30
N LEU A 113 5.89 -7.27 9.83
CA LEU A 113 5.08 -6.45 10.72
C LEU A 113 3.95 -7.27 11.32
N HIS A 114 3.33 -8.13 10.50
CA HIS A 114 2.29 -9.03 10.99
C HIS A 114 2.80 -9.94 12.12
N TRP A 115 3.99 -10.52 11.94
CA TRP A 115 4.61 -11.29 13.01
C TRP A 115 4.80 -10.45 14.26
N TRP A 116 5.29 -9.21 14.10
CA TRP A 116 5.51 -8.36 15.26
C TRP A 116 4.22 -8.07 15.99
N LEU A 117 3.12 -7.86 15.23
CA LEU A 117 1.83 -7.59 15.85
C LEU A 117 1.40 -8.74 16.75
N LEU A 118 1.67 -9.97 16.32
CA LEU A 118 1.22 -11.16 17.02
C LEU A 118 2.21 -11.66 18.07
N SER A 119 3.46 -11.24 17.99
CA SER A 119 4.49 -11.92 18.75
C SER A 119 4.44 -11.52 20.23
N SER A 120 5.12 -12.32 21.04
CA SER A 120 5.05 -12.19 22.48
C SER A 120 6.28 -12.87 23.07
N ARG A 121 6.86 -12.22 24.07
CA ARG A 121 8.10 -12.60 24.69
C ARG A 121 7.99 -12.16 26.14
N PRO A 122 8.62 -12.84 27.08
CA PRO A 122 8.72 -12.28 28.45
C PRO A 122 9.27 -10.86 28.40
N GLY A 123 8.46 -9.90 28.84
CA GLY A 123 8.84 -8.50 28.83
C GLY A 123 8.29 -7.70 27.66
N THR A 124 7.68 -8.36 26.67
CA THR A 124 7.11 -7.67 25.52
C THR A 124 5.92 -8.48 25.00
N LYS A 125 4.79 -8.34 25.66
CA LYS A 125 3.59 -9.06 25.22
C LYS A 125 2.94 -8.34 24.04
N SER A 126 1.98 -9.04 23.42
CA SER A 126 1.18 -8.49 22.34
C SER A 126 0.17 -7.45 22.83
N TRP A 127 -0.03 -6.42 22.00
CA TRP A 127 -1.04 -5.39 22.25
C TRP A 127 -2.32 -5.63 21.49
N ALA A 128 -2.44 -6.79 20.86
CA ALA A 128 -3.60 -7.12 20.03
C ALA A 128 -4.17 -8.47 20.46
N PRO A 129 -4.72 -8.57 21.67
CA PRO A 129 -5.28 -9.86 22.12
C PRO A 129 -6.32 -10.43 21.18
N SER A 130 -7.19 -9.60 20.60
CA SER A 130 -8.19 -10.15 19.68
C SER A 130 -7.54 -10.79 18.45
N TRP A 131 -6.48 -10.15 17.92
CA TRP A 131 -5.70 -10.77 16.84
C TRP A 131 -5.05 -12.07 17.32
N TYR A 132 -4.45 -12.04 18.52
CA TYR A 132 -3.84 -13.26 19.03
C TYR A 132 -4.85 -14.40 19.03
N VAL A 133 -6.04 -14.16 19.60
CA VAL A 133 -7.08 -15.19 19.64
C VAL A 133 -7.41 -15.66 18.24
N ALA A 134 -7.62 -14.71 17.33
CA ALA A 134 -8.12 -15.02 16.00
C ALA A 134 -7.14 -15.91 15.22
N PHE A 135 -5.85 -15.70 15.38
CA PHE A 135 -4.86 -16.44 14.62
C PHE A 135 -4.35 -17.69 15.35
N HIS A 136 -4.22 -17.62 16.67
CA HIS A 136 -3.50 -18.64 17.41
C HIS A 136 -4.36 -19.49 18.32
N LEU A 137 -5.55 -19.02 18.71
CA LEU A 137 -6.35 -19.76 19.69
C LEU A 137 -7.71 -20.23 19.19
N ALA A 138 -8.28 -19.56 18.21
CA ALA A 138 -9.57 -19.96 17.66
C ALA A 138 -9.50 -21.39 17.14
N PRO A 139 -10.47 -22.25 17.48
CA PRO A 139 -10.47 -23.62 16.95
C PRO A 139 -10.95 -23.75 15.53
N PHE A 140 -11.53 -22.71 14.94
CA PHE A 140 -12.02 -22.76 13.58
C PHE A 140 -11.33 -21.68 12.74
N SER A 141 -11.44 -21.83 11.42
CA SER A 141 -10.89 -20.90 10.47
C SER A 141 -11.93 -20.23 9.60
N ARG A 142 -13.17 -20.66 9.65
CA ARG A 142 -14.25 -20.07 8.87
C ARG A 142 -15.33 -19.64 9.84
N PHE A 143 -15.89 -18.45 9.64
CA PHE A 143 -16.73 -17.86 10.69
C PHE A 143 -17.54 -16.69 10.14
N THR A 144 -18.65 -16.42 10.83
CA THR A 144 -19.28 -15.09 10.82
C THR A 144 -18.51 -14.19 11.78
N LEU A 145 -18.71 -12.89 11.64
CA LEU A 145 -18.07 -11.99 12.57
C LEU A 145 -18.61 -12.18 13.98
N ALA A 146 -19.89 -12.57 14.12
CA ALA A 146 -20.43 -12.82 15.46
C ALA A 146 -19.79 -14.05 16.09
N ASP A 147 -19.51 -15.09 15.29
CA ASP A 147 -18.71 -16.24 15.75
C ASP A 147 -17.36 -15.80 16.31
N LEU A 148 -16.56 -15.11 15.51
CA LEU A 148 -15.22 -14.70 15.94
C LEU A 148 -15.29 -13.87 17.21
N THR A 149 -16.26 -12.96 17.29
CA THR A 149 -16.45 -12.17 18.50
C THR A 149 -16.67 -13.07 19.70
N GLN A 150 -17.51 -14.10 19.56
CA GLN A 150 -17.82 -14.95 20.71
C GLN A 150 -16.66 -15.85 21.12
N VAL A 151 -15.86 -16.35 20.18
CA VAL A 151 -14.69 -17.12 20.63
C VAL A 151 -13.69 -16.22 21.35
N ILE A 152 -13.55 -14.97 20.90
CA ILE A 152 -12.69 -14.05 21.63
C ILE A 152 -13.26 -13.78 23.01
N VAL A 153 -14.54 -13.41 23.09
CA VAL A 153 -15.20 -13.18 24.38
C VAL A 153 -14.94 -14.35 25.33
N ARG A 154 -15.07 -15.59 24.82
CA ARG A 154 -14.89 -16.75 25.69
C ARG A 154 -13.45 -16.85 26.19
N HIS A 155 -12.47 -16.57 25.32
CA HIS A 155 -11.08 -16.66 25.76
C HIS A 155 -10.71 -15.51 26.68
N VAL A 156 -11.36 -14.36 26.52
CA VAL A 156 -11.04 -13.19 27.34
C VAL A 156 -11.57 -13.36 28.76
N ASN A 157 -12.78 -13.94 28.92
CA ASN A 157 -13.33 -14.17 30.25
C ASN A 157 -12.50 -15.16 31.07
N LEU A 158 -11.81 -16.10 30.40
CA LEU A 158 -10.90 -17.02 31.07
C LEU A 158 -9.57 -16.37 31.43
N SER A 159 -9.20 -15.27 30.80
CA SER A 159 -7.87 -14.69 30.98
C SER A 159 -7.86 -13.35 31.71
N PHE A 160 -8.86 -12.51 31.50
CA PHE A 160 -8.87 -11.17 32.08
C PHE A 160 -10.11 -10.99 32.93
N PRO A 161 -9.99 -10.96 34.27
CA PRO A 161 -11.18 -10.72 35.09
C PRO A 161 -11.84 -9.41 34.72
N GLU A 162 -11.02 -8.36 34.56
CA GLU A 162 -11.53 -7.03 34.25
C GLU A 162 -12.46 -7.06 33.05
N GLY A 163 -11.94 -7.48 31.90
CA GLY A 163 -12.75 -7.63 30.72
C GLY A 163 -13.21 -6.34 30.05
N PRO A 164 -13.01 -6.26 28.74
CA PRO A 164 -13.73 -5.27 27.94
C PRO A 164 -15.19 -5.68 27.76
N VAL A 165 -15.98 -4.74 27.29
CA VAL A 165 -17.34 -5.09 26.91
C VAL A 165 -17.29 -5.77 25.56
N GLU A 166 -18.29 -6.61 25.30
CA GLU A 166 -18.41 -7.28 24.01
C GLU A 166 -18.30 -6.32 22.84
N ALA A 167 -18.84 -5.11 23.00
CA ALA A 167 -18.80 -4.14 21.90
C ALA A 167 -17.36 -3.81 21.50
N SER A 168 -16.45 -3.74 22.47
CA SER A 168 -15.06 -3.46 22.13
C SER A 168 -14.46 -4.60 21.30
N ILE A 169 -14.78 -5.84 21.66
CA ILE A 169 -14.24 -6.99 20.94
C ILE A 169 -14.80 -7.05 19.52
N ALA A 170 -16.09 -6.72 19.38
CA ALA A 170 -16.68 -6.66 18.05
C ALA A 170 -15.96 -5.65 17.18
N LYS A 171 -15.56 -4.51 17.75
CA LYS A 171 -14.83 -3.51 16.98
C LYS A 171 -13.46 -4.04 16.57
N ASP A 172 -12.76 -4.75 17.47
CA ASP A 172 -11.53 -5.44 17.09
C ASP A 172 -11.75 -6.32 15.88
N VAL A 173 -12.87 -7.04 15.86
CA VAL A 173 -13.11 -8.02 14.80
C VAL A 173 -13.42 -7.33 13.47
N ASP A 174 -14.19 -6.24 13.52
CA ASP A 174 -14.35 -5.43 12.30
C ASP A 174 -13.00 -4.97 11.80
N CYS A 175 -12.11 -4.59 12.71
CA CYS A 175 -10.85 -4.03 12.27
C CYS A 175 -9.96 -5.14 11.70
N ILE A 176 -9.94 -6.33 12.32
CA ILE A 176 -9.25 -7.50 11.75
C ILE A 176 -9.70 -7.70 10.31
N THR A 177 -11.03 -7.65 10.06
CA THR A 177 -11.56 -7.86 8.71
C THR A 177 -11.04 -6.81 7.72
N LYS A 178 -11.12 -5.53 8.08
CA LYS A 178 -10.69 -4.47 7.15
C LYS A 178 -9.18 -4.50 6.92
N MET A 179 -8.44 -5.02 7.90
CA MET A 179 -7.00 -5.10 7.76
C MET A 179 -6.57 -6.16 6.73
N TYR A 180 -7.30 -7.28 6.63
CA TYR A 180 -6.79 -8.42 5.86
C TYR A 180 -7.59 -8.79 4.61
N VAL A 181 -8.88 -8.47 4.53
CA VAL A 181 -9.66 -8.91 3.37
C VAL A 181 -9.50 -7.92 2.22
N PRO A 182 -9.76 -8.32 0.96
CA PRO A 182 -9.70 -7.38 -0.16
C PRO A 182 -10.71 -6.25 0.01
N ALA A 183 -10.34 -5.06 -0.45
CA ALA A 183 -11.20 -3.88 -0.33
C ALA A 183 -12.56 -4.07 -1.03
N GLN A 184 -12.64 -4.98 -2.00
CA GLN A 184 -13.89 -5.17 -2.72
C GLN A 184 -14.96 -5.83 -1.88
N ARG A 185 -14.58 -6.48 -0.77
CA ARG A 185 -15.53 -7.10 0.13
C ARG A 185 -16.08 -6.13 1.17
N LEU A 186 -15.55 -4.91 1.25
CA LEU A 186 -15.98 -3.97 2.29
C LEU A 186 -17.05 -3.03 1.73
N ARG A 187 -17.80 -2.43 2.64
CA ARG A 187 -18.88 -1.52 2.27
C ARG A 187 -18.76 -0.27 3.13
N GLY A 188 -18.50 0.86 2.50
CA GLY A 188 -18.35 2.15 3.16
C GLY A 188 -19.61 2.98 3.11
N GLY A 189 -19.45 4.29 3.20
CA GLY A 189 -20.57 5.21 3.15
C GLY A 189 -20.72 5.91 1.80
N GLU A 195 -15.38 8.99 -0.14
CA GLU A 195 -15.93 7.72 0.30
C GLU A 195 -15.00 7.02 1.27
N ASP A 196 -15.56 6.06 2.01
CA ASP A 196 -14.93 5.61 3.24
C ASP A 196 -13.58 4.91 3.01
N LEU A 197 -13.46 4.08 1.96
CA LEU A 197 -12.46 3.00 2.03
C LEU A 197 -11.01 3.49 1.99
N LEU A 198 -10.25 3.08 3.01
CA LEU A 198 -8.83 3.37 3.09
C LEU A 198 -7.98 2.22 2.60
N SER A 199 -6.80 2.55 2.08
CA SER A 199 -5.81 1.54 1.74
C SER A 199 -5.33 0.82 3.00
N CYS A 200 -4.98 -0.46 2.85
CA CYS A 200 -4.32 -1.10 3.97
C CYS A 200 -3.39 -2.13 3.33
N PRO A 201 -2.07 -1.94 3.46
CA PRO A 201 -1.16 -2.82 2.71
C PRO A 201 -1.14 -4.25 3.23
N PHE A 202 -1.68 -4.55 4.41
CA PHE A 202 -1.73 -5.94 4.87
C PHE A 202 -2.70 -6.80 4.06
N ARG A 203 -3.59 -6.17 3.27
CA ARG A 203 -4.51 -6.91 2.42
C ARG A 203 -3.79 -7.69 1.34
N GLU A 204 -2.60 -7.23 0.96
CA GLU A 204 -1.73 -7.91 -0.01
C GLU A 204 -1.27 -9.29 0.45
N LEU A 205 -1.32 -9.58 1.76
CA LEU A 205 -0.86 -10.87 2.24
C LEU A 205 -1.83 -12.01 1.94
N GLY A 206 -3.05 -11.70 1.49
CA GLY A 206 -4.01 -12.73 1.08
C GLY A 206 -4.45 -13.64 2.21
N LEU A 207 -4.48 -13.13 3.44
CA LEU A 207 -4.67 -14.00 4.58
C LEU A 207 -6.15 -14.24 4.89
N MET A 208 -7.04 -13.38 4.43
CA MET A 208 -8.44 -13.49 4.79
C MET A 208 -9.28 -13.17 3.56
N GLU A 209 -10.42 -13.83 3.45
CA GLU A 209 -11.29 -13.69 2.30
C GLU A 209 -12.75 -13.88 2.72
N GLN A 210 -13.64 -13.22 1.99
CA GLN A 210 -15.05 -13.51 2.07
C GLN A 210 -15.32 -14.88 1.46
N VAL A 211 -16.28 -15.60 2.02
CA VAL A 211 -16.58 -16.94 1.52
C VAL A 211 -18.11 -17.12 1.46
N GLY A 212 -18.56 -17.74 0.38
CA GLY A 212 -19.91 -18.27 0.25
C GLY A 212 -21.03 -17.28 0.23
N GLN A 213 -20.76 -16.01 -0.08
CA GLN A 213 -21.64 -14.92 0.35
C GLN A 213 -23.03 -14.92 -0.27
N ARG A 214 -23.81 -13.89 0.08
CA ARG A 214 -25.04 -13.55 -0.64
C ARG A 214 -25.44 -12.12 -0.26
N GLY A 215 -25.78 -11.81 1.00
CA GLY A 215 -26.07 -12.69 2.15
C GLY A 215 -24.99 -13.50 2.84
N SER A 216 -25.44 -14.46 3.67
CA SER A 216 -24.65 -15.56 4.25
C SER A 216 -23.72 -15.15 5.39
N SER A 217 -22.89 -14.12 5.17
CA SER A 217 -22.16 -13.44 6.25
C SER A 217 -20.89 -14.17 6.71
N GLU A 218 -20.19 -14.89 5.83
CA GLU A 218 -19.10 -15.76 6.24
C GLU A 218 -17.73 -15.25 5.79
N TRP A 219 -16.70 -15.61 6.57
CA TRP A 219 -15.33 -15.24 6.29
C TRP A 219 -14.41 -16.40 6.64
N GLU A 220 -13.18 -16.36 6.13
CA GLU A 220 -12.22 -17.38 6.51
C GLU A 220 -10.82 -16.83 6.37
N PHE A 221 -9.91 -17.33 7.22
CA PHE A 221 -8.49 -17.21 6.91
C PHE A 221 -8.17 -18.19 5.78
N THR A 222 -7.27 -17.80 4.90
CA THR A 222 -7.02 -18.62 3.72
C THR A 222 -6.01 -19.75 4.03
N SER A 223 -5.80 -20.63 3.06
CA SER A 223 -4.84 -21.70 3.33
C SER A 223 -4.02 -22.13 2.11
N GLY A 224 -3.96 -21.34 1.05
CA GLY A 224 -3.14 -21.69 -0.09
C GLY A 224 -1.65 -21.50 0.15
N SER A 225 -0.90 -21.54 -0.95
CA SER A 225 0.53 -21.27 -0.95
C SER A 225 0.80 -19.78 -0.73
N ARG A 226 2.01 -19.45 -0.24
CA ARG A 226 2.35 -18.07 0.09
C ARG A 226 3.58 -17.60 -0.67
N PRO A 227 3.47 -17.42 -1.99
CA PRO A 227 4.66 -17.01 -2.77
C PRO A 227 5.24 -15.65 -2.36
N SER A 228 4.53 -14.83 -1.59
CA SER A 228 5.08 -13.53 -1.18
C SER A 228 5.79 -13.58 0.17
N LEU A 229 5.78 -14.73 0.84
CA LEU A 229 6.42 -14.86 2.14
C LEU A 229 7.85 -15.38 1.97
N PRO A 230 8.86 -14.50 2.03
CA PRO A 230 10.24 -14.96 1.82
C PRO A 230 10.72 -15.97 2.87
N ALA A 231 11.63 -16.82 2.44
CA ALA A 231 12.10 -17.91 3.29
C ALA A 231 12.85 -17.39 4.50
N ARG A 232 13.66 -16.35 4.33
CA ARG A 232 14.32 -15.77 5.50
C ARG A 232 13.32 -15.16 6.48
N ILE A 233 12.17 -14.68 6.01
CA ILE A 233 11.19 -14.19 6.97
C ILE A 233 10.65 -15.34 7.81
N ILE A 234 10.39 -16.49 7.17
CA ILE A 234 9.93 -17.66 7.91
C ILE A 234 10.97 -18.08 8.96
N ALA A 235 12.24 -18.20 8.52
CA ALA A 235 13.28 -18.70 9.42
C ALA A 235 13.53 -17.75 10.57
N TYR A 236 13.47 -16.45 10.30
CA TYR A 236 13.55 -15.48 11.38
C TYR A 236 12.49 -15.75 12.44
N ALA A 237 11.23 -15.90 12.00
CA ALA A 237 10.15 -16.12 12.95
C ALA A 237 10.34 -17.42 13.73
N CYS A 238 10.80 -18.47 13.04
CA CYS A 238 11.05 -19.73 13.75
C CYS A 238 12.11 -19.53 14.84
N LEU A 239 13.19 -18.82 14.52
CA LEU A 239 14.27 -18.63 15.47
C LEU A 239 13.87 -17.61 16.52
N ASP A 240 13.17 -16.55 16.12
CA ASP A 240 12.59 -15.63 17.08
C ASP A 240 11.64 -16.37 18.03
N TYR A 241 10.88 -17.33 17.52
CA TYR A 241 9.98 -18.07 18.39
C TYR A 241 10.77 -18.96 19.36
N ALA A 242 11.82 -19.61 18.88
CA ALA A 242 12.61 -20.46 19.78
C ALA A 242 13.27 -19.64 20.87
N ALA A 243 13.72 -18.42 20.51
CA ALA A 243 14.34 -17.51 21.48
C ALA A 243 13.39 -17.03 22.58
N ARG A 244 12.08 -17.19 22.43
CA ARG A 244 11.20 -16.88 23.55
C ARG A 244 11.61 -17.65 24.81
N THR A 245 12.06 -18.89 24.66
CA THR A 245 12.29 -19.77 25.79
C THR A 245 13.76 -20.13 26.03
N THR A 246 14.66 -19.91 25.07
CA THR A 246 16.05 -20.29 25.26
C THR A 246 16.98 -19.26 24.64
N ARG A 247 18.15 -19.10 25.25
CA ARG A 247 19.20 -18.23 24.74
C ARG A 247 20.45 -19.00 24.31
N ASN A 248 20.47 -20.32 24.48
CA ASN A 248 21.62 -21.16 24.15
C ASN A 248 21.32 -22.03 22.94
N ALA A 249 22.35 -22.73 22.46
CA ALA A 249 22.16 -23.73 21.43
C ALA A 249 21.07 -24.71 21.84
N GLY A 250 20.38 -25.25 20.86
CA GLY A 250 19.21 -26.06 21.15
C GLY A 250 18.50 -26.44 19.87
N SER A 251 17.23 -26.77 20.01
CA SER A 251 16.45 -27.23 18.87
C SER A 251 14.97 -27.03 19.16
N ILE A 252 14.17 -27.10 18.10
CA ILE A 252 12.72 -27.00 18.18
C ILE A 252 12.13 -27.76 17.00
N SER A 253 11.11 -28.57 17.27
CA SER A 253 10.51 -29.43 16.26
C SER A 253 9.70 -28.63 15.25
N LEU A 254 9.58 -29.19 14.04
CA LEU A 254 8.78 -28.56 13.00
C LEU A 254 7.30 -28.63 13.32
N ALA A 255 6.89 -29.68 14.04
CA ALA A 255 5.50 -29.78 14.43
C ALA A 255 5.12 -28.65 15.38
N ARG A 256 6.01 -28.32 16.33
CA ARG A 256 5.76 -27.17 17.20
C ARG A 256 5.72 -25.89 16.39
N LEU A 257 6.65 -25.72 15.44
CA LEU A 257 6.65 -24.51 14.62
C LEU A 257 5.38 -24.40 13.81
N ALA A 258 4.87 -25.53 13.28
CA ALA A 258 3.72 -25.49 12.40
C ALA A 258 2.39 -25.44 13.14
N ASN A 259 2.31 -25.90 14.38
CA ASN A 259 1.02 -26.11 15.04
C ASN A 259 0.85 -25.41 16.38
N GLU A 260 1.92 -25.11 17.11
CA GLU A 260 1.79 -24.56 18.45
C GLU A 260 1.24 -23.13 18.38
N PRO A 261 0.32 -22.77 19.26
CA PRO A 261 -0.17 -21.39 19.29
C PRO A 261 0.95 -20.40 19.59
N GLY A 262 1.05 -19.37 18.75
CA GLY A 262 2.09 -18.36 18.84
C GLY A 262 3.21 -18.53 17.83
N ALA A 263 3.32 -19.71 17.21
CA ALA A 263 4.43 -20.05 16.35
C ALA A 263 4.14 -19.62 14.91
N PRO A 264 5.14 -19.71 14.02
CA PRO A 264 4.93 -19.23 12.64
C PRO A 264 3.87 -19.97 11.83
N GLY A 265 3.65 -21.26 12.07
CA GLY A 265 2.64 -21.96 11.28
C GLY A 265 1.28 -21.33 11.39
N ARG A 266 0.88 -20.97 12.61
CA ARG A 266 -0.42 -20.34 12.87
C ARG A 266 -0.42 -18.84 12.53
N ALA A 267 0.71 -18.14 12.72
CA ALA A 267 0.73 -16.72 12.36
C ALA A 267 0.61 -16.53 10.85
N PHE A 268 1.44 -17.24 10.09
CA PHE A 268 1.48 -17.06 8.64
C PHE A 268 0.50 -17.95 7.91
N ARG A 269 -0.22 -18.80 8.62
CA ARG A 269 -1.11 -19.80 8.02
C ARG A 269 -0.40 -20.58 6.92
N ILE A 270 0.73 -21.19 7.27
CA ILE A 270 1.50 -22.03 6.34
C ILE A 270 1.66 -23.42 6.95
N ARG A 271 1.78 -24.43 6.09
CA ARG A 271 1.82 -25.79 6.61
C ARG A 271 3.27 -26.24 6.85
N GLU A 272 3.39 -27.34 7.61
CA GLU A 272 4.70 -27.80 8.06
C GLU A 272 5.68 -28.00 6.91
N ALA A 273 5.20 -28.52 5.78
CA ALA A 273 6.11 -28.73 4.66
C ALA A 273 6.61 -27.40 4.11
N ASP A 274 5.75 -26.39 4.01
CA ASP A 274 6.19 -25.06 3.60
C ASP A 274 7.24 -24.50 4.56
N ILE A 275 7.08 -24.73 5.87
CA ILE A 275 8.10 -24.32 6.82
C ILE A 275 9.38 -25.10 6.59
N ALA A 276 9.27 -26.42 6.40
CA ALA A 276 10.44 -27.23 6.17
C ALA A 276 11.20 -26.74 4.95
N ALA A 277 10.48 -26.38 3.88
CA ALA A 277 11.15 -25.96 2.65
C ALA A 277 11.86 -24.62 2.84
N ALA A 278 11.25 -23.67 3.56
CA ALA A 278 11.95 -22.41 3.81
C ALA A 278 13.21 -22.63 4.64
N LEU A 279 13.12 -23.50 5.65
CA LEU A 279 14.27 -23.69 6.54
C LEU A 279 15.42 -24.40 5.84
N GLU A 280 15.13 -25.31 4.91
CA GLU A 280 16.20 -25.93 4.10
C GLU A 280 16.97 -24.85 3.34
N LYS A 281 16.25 -23.95 2.67
CA LYS A 281 16.93 -22.91 1.89
C LYS A 281 17.87 -22.08 2.75
N VAL A 282 17.46 -21.74 3.98
CA VAL A 282 18.27 -20.88 4.83
C VAL A 282 19.42 -21.66 5.50
N ALA A 283 19.17 -22.90 5.91
CA ALA A 283 20.25 -23.73 6.48
C ALA A 283 21.36 -23.99 5.45
N ALA A 284 21.03 -23.99 4.16
CA ALA A 284 22.02 -24.16 3.11
C ALA A 284 23.08 -23.06 3.11
N SER A 285 22.75 -21.84 3.55
CA SER A 285 23.72 -20.77 3.69
C SER A 285 24.20 -20.56 5.12
N HIS A 286 23.62 -21.26 6.10
CA HIS A 286 23.92 -21.05 7.51
C HIS A 286 24.36 -22.38 8.13
N GLN A 287 25.68 -22.56 8.31
CA GLN A 287 26.20 -23.84 8.79
C GLN A 287 25.75 -24.11 10.21
N GLU A 288 25.46 -23.06 11.00
CA GLU A 288 24.96 -23.24 12.35
C GLU A 288 23.48 -23.64 12.41
N LEU A 289 22.78 -23.70 11.28
CA LEU A 289 21.39 -24.17 11.27
C LEU A 289 21.30 -25.51 10.55
N GLN A 290 20.48 -26.41 11.07
CA GLN A 290 20.29 -27.70 10.41
C GLN A 290 18.85 -28.17 10.59
N LEU A 291 18.34 -28.87 9.59
CA LEU A 291 17.14 -29.67 9.74
C LEU A 291 17.53 -31.10 10.06
N VAL A 292 17.08 -31.59 11.20
CA VAL A 292 17.43 -32.92 11.69
C VAL A 292 16.20 -33.81 11.68
N GLU A 293 16.40 -35.09 11.40
CA GLU A 293 15.38 -36.13 11.61
C GLU A 293 15.68 -36.90 12.87
N ALA A 294 14.69 -37.09 13.73
CA ALA A 294 14.89 -37.69 15.05
C ALA A 294 14.20 -39.02 15.18
N VAL A 295 12.87 -39.06 15.33
CA VAL A 295 12.23 -40.35 15.55
C VAL A 295 10.83 -40.44 14.93
N GLY A 296 10.66 -40.31 13.61
CA GLY A 296 11.48 -39.55 12.71
C GLY A 296 10.70 -38.25 12.52
N GLN A 297 10.69 -37.43 13.56
CA GLN A 297 10.18 -36.07 13.48
C GLN A 297 11.33 -35.14 13.11
N ARG A 298 11.06 -34.15 12.25
CA ARG A 298 12.09 -33.17 11.92
C ARG A 298 12.15 -32.03 12.93
N SER A 299 13.38 -31.61 13.23
CA SER A 299 13.65 -30.51 14.12
C SER A 299 14.59 -29.52 13.43
N LEU A 300 14.44 -28.26 13.80
CA LEU A 300 15.42 -27.24 13.46
C LEU A 300 16.40 -27.15 14.63
N THR A 301 17.70 -27.11 14.33
CA THR A 301 18.72 -27.00 15.37
C THR A 301 19.63 -25.80 15.10
N PHE A 302 20.18 -25.26 16.18
CA PHE A 302 20.99 -24.06 16.08
C PHE A 302 22.11 -24.20 17.09
N THR A 303 23.34 -23.95 16.67
CA THR A 303 24.50 -24.23 17.50
C THR A 303 24.86 -23.08 18.42
N SER A 304 24.15 -21.96 18.32
CA SER A 304 24.33 -20.84 19.23
C SER A 304 22.96 -20.26 19.50
N GLY A 305 22.92 -19.19 20.31
CA GLY A 305 21.68 -18.58 20.73
C GLY A 305 20.76 -18.20 19.58
N PRO A 306 19.48 -18.59 19.68
CA PRO A 306 18.56 -18.37 18.55
C PRO A 306 18.24 -16.92 18.23
N PHE A 307 18.26 -16.01 19.21
CA PHE A 307 17.83 -14.64 18.91
C PHE A 307 18.84 -13.93 18.01
N ASP A 308 20.13 -14.08 18.28
CA ASP A 308 21.16 -13.48 17.44
C ASP A 308 21.18 -14.11 16.05
N LEU A 309 20.95 -15.43 15.97
CA LEU A 309 20.84 -16.04 14.65
C LEU A 309 19.59 -15.53 13.92
N ALA A 310 18.48 -15.37 14.64
CA ALA A 310 17.28 -14.79 14.03
C ALA A 310 17.62 -13.47 13.33
N TRP A 311 18.37 -12.59 13.99
CA TRP A 311 18.60 -11.27 13.40
C TRP A 311 19.69 -11.29 12.34
N ASP A 312 20.64 -12.23 12.39
CA ASP A 312 21.53 -12.45 11.25
C ASP A 312 20.73 -12.79 10.00
N VAL A 313 19.80 -13.74 10.13
CA VAL A 313 18.98 -14.20 9.02
C VAL A 313 18.09 -13.07 8.51
N LEU A 314 17.47 -12.32 9.45
CA LEU A 314 16.58 -11.25 9.04
C LEU A 314 17.34 -10.11 8.36
N ASP A 315 18.49 -9.71 8.91
CA ASP A 315 19.28 -8.63 8.31
C ASP A 315 19.78 -9.02 6.94
N GLU A 316 20.04 -10.31 6.70
CA GLU A 316 20.46 -10.78 5.38
C GLU A 316 19.37 -10.53 4.35
N GLN A 317 18.11 -10.72 4.74
CA GLN A 317 16.99 -10.54 3.82
C GLN A 317 16.98 -9.12 3.24
N TYR A 318 17.56 -8.15 3.94
CA TYR A 318 17.55 -6.75 3.52
C TYR A 318 18.94 -6.22 3.28
N ASP A 319 19.90 -7.09 2.94
CA ASP A 319 21.25 -6.68 2.52
C ASP A 319 22.06 -6.12 3.69
N ASN A 320 21.91 -6.71 4.88
CA ASN A 320 22.74 -6.40 6.05
C ASN A 320 22.78 -4.90 6.35
N VAL A 321 21.63 -4.42 6.84
CA VAL A 321 21.51 -3.01 7.21
C VAL A 321 22.44 -2.64 8.38
N ARG A 322 22.77 -3.60 9.24
CA ARG A 322 23.53 -3.23 10.44
C ARG A 322 24.97 -2.90 10.14
N SER A 323 25.42 -3.17 8.93
CA SER A 323 26.78 -2.91 8.50
C SER A 323 26.94 -1.52 7.90
N ARG A 324 25.83 -0.84 7.63
CA ARG A 324 25.89 0.45 6.98
C ARG A 324 26.59 1.46 7.90
N PRO A 325 27.24 2.47 7.32
CA PRO A 325 27.95 3.44 8.15
C PRO A 325 27.01 4.08 9.16
N ASN A 326 27.42 4.06 10.42
CA ASN A 326 26.78 4.76 11.53
C ASN A 326 25.43 4.17 11.90
N PHE A 327 25.12 2.96 11.48
CA PHE A 327 23.92 2.31 11.99
C PHE A 327 24.10 1.98 13.47
N PRO A 328 23.15 2.37 14.33
CA PRO A 328 23.35 2.15 15.77
C PRO A 328 23.13 0.70 16.18
N THR A 329 23.99 0.22 17.08
CA THR A 329 23.71 -1.02 17.78
C THR A 329 22.57 -0.80 18.76
N ARG A 330 22.00 -1.90 19.25
CA ARG A 330 20.96 -1.76 20.27
C ARG A 330 21.51 -1.10 21.53
N GLU A 331 22.81 -1.27 21.80
CA GLU A 331 23.46 -0.57 22.91
C GLU A 331 23.53 0.92 22.63
N ASP A 332 23.91 1.30 21.41
CA ASP A 332 23.87 2.71 21.04
C ASP A 332 22.48 3.29 21.23
N TRP A 333 21.46 2.53 20.81
CA TRP A 333 20.08 2.98 20.86
C TRP A 333 19.56 3.07 22.29
N ALA A 334 19.90 2.10 23.13
CA ALA A 334 19.43 2.13 24.50
C ALA A 334 20.03 3.30 25.28
N ARG A 335 21.23 3.75 24.89
CA ARG A 335 21.79 4.93 25.55
C ARG A 335 21.10 6.21 25.08
N ARG A 336 20.64 6.25 23.83
CA ARG A 336 19.88 7.41 23.36
C ARG A 336 18.49 7.45 23.99
N TYR A 337 17.89 6.28 24.21
CA TYR A 337 16.50 6.17 24.68
C TYR A 337 16.46 5.24 25.90
N PRO A 338 16.97 5.72 27.05
CA PRO A 338 17.08 4.83 28.20
C PRO A 338 15.75 4.27 28.68
N LYS A 339 14.62 4.91 28.36
CA LYS A 339 13.34 4.42 28.87
C LYS A 339 12.82 3.19 28.12
N LEU A 340 13.46 2.77 27.01
CA LEU A 340 13.09 1.50 26.38
C LEU A 340 13.33 0.33 27.33
N ALA A 341 14.53 0.27 27.91
CA ALA A 341 14.85 -0.78 28.88
C ALA A 341 14.02 -0.65 30.15
N GLU A 342 13.69 0.59 30.55
CA GLU A 342 12.87 0.77 31.74
CA GLU A 342 12.86 0.80 31.73
C GLU A 342 11.46 0.24 31.53
N ALA A 343 10.89 0.44 30.34
CA ALA A 343 9.57 -0.15 30.02
C ALA A 343 9.64 -1.66 29.97
N GLU A 344 10.77 -2.23 29.54
CA GLU A 344 10.90 -3.69 29.56
C GLU A 344 11.01 -4.20 30.99
N LYS A 345 11.84 -3.55 31.80
CA LYS A 345 11.99 -3.95 33.20
C LYS A 345 10.69 -3.80 33.97
N ARG A 346 9.92 -2.75 33.68
CA ARG A 346 8.61 -2.60 34.32
C ARG A 346 7.74 -3.83 34.05
N GLU A 347 7.67 -4.25 32.78
CA GLU A 347 6.78 -5.36 32.45
C GLU A 347 7.33 -6.68 32.99
N LEU A 348 8.64 -6.87 32.97
CA LEU A 348 9.20 -8.13 33.49
C LEU A 348 8.91 -8.30 34.98
N LYS A 349 8.86 -7.20 35.74
CA LYS A 349 8.51 -7.32 37.14
C LYS A 349 7.00 -7.40 37.36
N GLN A 350 6.20 -7.33 36.30
CA GLN A 350 4.82 -7.80 36.41
C GLN A 350 4.76 -9.31 36.31
N LEU A 351 5.76 -9.94 35.70
CA LEU A 351 5.95 -11.39 35.78
C LEU A 351 6.41 -11.81 37.18
N ASP A 352 5.71 -11.36 38.23
CA ASP A 352 5.99 -11.62 39.65
C ASP A 352 6.82 -12.88 39.93
N ASP B 3 -7.04 3.31 -38.59
CA ASP B 3 -7.27 3.50 -37.15
C ASP B 3 -6.13 4.28 -36.45
N SER B 4 -6.48 5.40 -35.79
CA SER B 4 -5.51 6.13 -34.99
C SER B 4 -6.16 6.70 -33.73
N ARG B 5 -7.14 6.00 -33.16
CA ARG B 5 -7.56 6.27 -31.80
C ARG B 5 -6.35 6.34 -30.86
N LEU B 6 -5.42 5.41 -31.02
CA LEU B 6 -4.31 5.30 -30.09
C LEU B 6 -3.27 6.37 -30.35
N ALA B 7 -2.94 6.63 -31.63
CA ALA B 7 -1.99 7.70 -31.94
C ALA B 7 -2.51 9.06 -31.48
N GLU B 8 -3.82 9.23 -31.46
CA GLU B 8 -4.37 10.52 -31.03
C GLU B 8 -4.40 10.66 -29.52
N ALA B 9 -4.27 9.57 -28.77
CA ALA B 9 -4.40 9.62 -27.32
C ALA B 9 -3.11 9.33 -26.56
N ALA B 10 -2.13 8.68 -27.19
CA ALA B 10 -0.95 8.23 -26.44
C ALA B 10 0.32 8.46 -27.24
N HIS B 11 1.38 8.81 -26.52
CA HIS B 11 2.73 8.83 -27.05
C HIS B 11 3.21 7.41 -27.36
N SER B 12 4.17 7.32 -28.28
CA SER B 12 4.82 6.04 -28.56
C SER B 12 5.83 5.74 -27.46
N SER B 13 5.43 4.96 -26.46
CA SER B 13 6.26 4.75 -25.26
C SER B 13 6.03 3.34 -24.74
N PHE B 14 7.06 2.49 -24.78
CA PHE B 14 6.93 1.08 -24.38
C PHE B 14 8.12 0.64 -23.53
N ALA B 15 7.80 -0.09 -22.45
CA ALA B 15 8.76 -0.73 -21.54
C ALA B 15 9.79 0.25 -20.97
N ARG B 16 9.48 1.56 -20.88
CA ARG B 16 10.32 2.50 -20.17
C ARG B 16 10.22 2.38 -18.64
N HIS B 17 9.26 1.62 -18.13
CA HIS B 17 9.25 1.23 -16.72
C HIS B 17 10.31 0.18 -16.41
N GLU B 18 11.01 -0.33 -17.43
CA GLU B 18 12.09 -1.30 -17.24
C GLU B 18 11.65 -2.57 -16.53
N THR B 19 10.37 -2.93 -16.73
CA THR B 19 9.70 -4.10 -16.14
C THR B 19 9.35 -3.88 -14.67
N PHE B 20 9.35 -2.65 -14.18
CA PHE B 20 9.01 -2.38 -12.79
C PHE B 20 7.62 -1.76 -12.71
N ALA B 21 6.77 -2.35 -11.90
CA ALA B 21 5.46 -1.81 -11.61
C ALA B 21 5.61 -0.66 -10.60
N PRO B 22 4.63 0.24 -10.50
CA PRO B 22 4.82 1.42 -9.65
C PRO B 22 4.98 1.01 -8.19
N ARG B 23 5.73 1.83 -7.43
CA ARG B 23 5.92 1.69 -5.99
C ARG B 23 5.61 3.03 -5.31
N PHE B 24 4.97 2.98 -4.13
CA PHE B 24 4.68 4.25 -3.46
C PHE B 24 5.96 5.03 -3.17
N GLY B 25 6.99 4.36 -2.62
CA GLY B 25 8.22 5.06 -2.29
C GLY B 25 8.81 5.81 -3.47
N TRP B 26 8.67 5.27 -4.67
CA TRP B 26 9.20 5.92 -5.87
C TRP B 26 8.41 7.18 -6.20
N LEU B 27 7.08 7.10 -6.13
CA LEU B 27 6.29 8.32 -6.37
C LEU B 27 6.65 9.39 -5.35
N HIS B 28 6.72 9.00 -4.07
CA HIS B 28 7.00 9.96 -3.01
C HIS B 28 8.39 10.58 -3.18
N LYS B 29 9.42 9.75 -3.34
CA LYS B 29 10.77 10.27 -3.44
C LYS B 29 10.98 11.06 -4.72
N ALA B 30 10.35 10.65 -5.83
CA ALA B 30 10.48 11.42 -7.06
C ALA B 30 9.92 12.83 -6.90
N TYR B 31 8.75 12.98 -6.27
CA TYR B 31 8.22 14.32 -6.06
C TYR B 31 9.16 15.16 -5.20
N MET B 32 9.68 14.58 -4.11
CA MET B 32 10.48 15.38 -3.19
C MET B 32 11.77 15.86 -3.83
N GLN B 33 12.47 14.99 -4.56
CA GLN B 33 13.72 15.41 -5.21
C GLN B 33 13.47 16.38 -6.36
N VAL B 34 12.49 16.08 -7.22
CA VAL B 34 12.33 16.92 -8.40
C VAL B 34 11.81 18.31 -8.08
N GLN B 35 11.13 18.48 -6.93
CA GLN B 35 10.53 19.78 -6.61
C GLN B 35 11.55 20.92 -6.72
N SER B 36 12.77 20.70 -6.24
CA SER B 36 13.79 21.73 -6.37
C SER B 36 14.96 21.36 -7.29
N ASN B 37 15.02 20.12 -7.83
CA ASN B 37 16.13 19.74 -8.71
C ASN B 37 15.67 19.12 -10.02
N PRO B 38 15.65 19.90 -11.10
CA PRO B 38 15.27 19.36 -12.42
C PRO B 38 16.17 18.23 -12.90
N GLU B 39 17.40 18.10 -12.39
CA GLU B 39 18.32 17.08 -12.85
C GLU B 39 18.32 15.84 -11.97
N ALA B 40 17.26 15.65 -11.17
CA ALA B 40 17.31 14.63 -10.13
C ALA B 40 17.41 13.22 -10.72
N PHE B 41 16.85 12.99 -11.91
CA PHE B 41 16.92 11.68 -12.54
C PHE B 41 18.13 11.52 -13.46
N LEU B 42 18.74 12.63 -13.87
CA LEU B 42 19.81 12.62 -14.85
C LEU B 42 21.19 12.70 -14.24
N ALA B 43 21.30 13.07 -12.96
CA ALA B 43 22.61 13.22 -12.36
C ALA B 43 23.31 11.88 -12.27
N ASP B 44 24.62 11.89 -12.49
CA ASP B 44 25.44 10.72 -12.19
C ASP B 44 25.24 10.28 -10.76
N ASP B 45 24.71 11.19 -9.94
CA ASP B 45 24.44 11.04 -8.52
C ASP B 45 23.17 10.26 -8.22
N ALA B 46 22.30 10.07 -9.22
CA ALA B 46 20.91 9.71 -8.95
C ALA B 46 20.74 8.44 -8.15
N PRO B 47 21.36 7.31 -8.48
CA PRO B 47 21.07 6.06 -7.74
C PRO B 47 21.29 6.15 -6.25
N VAL B 48 22.30 6.91 -5.79
CA VAL B 48 22.50 7.07 -4.35
C VAL B 48 21.61 8.18 -3.80
N GLN B 49 21.39 9.24 -4.56
CA GLN B 49 20.53 10.33 -4.09
C GLN B 49 19.08 9.89 -3.98
N LEU B 50 18.63 9.00 -4.87
CA LEU B 50 17.29 8.46 -4.80
C LEU B 50 17.23 7.18 -3.96
N GLY B 51 18.37 6.53 -3.74
CA GLY B 51 18.39 5.32 -2.95
C GLY B 51 17.88 4.09 -3.67
N VAL B 52 18.15 3.97 -4.98
CA VAL B 52 17.65 2.87 -5.81
C VAL B 52 18.73 2.48 -6.81
N GLY B 53 18.58 1.28 -7.40
CA GLY B 53 19.43 0.89 -8.49
C GLY B 53 19.27 1.79 -9.71
N LYS B 54 20.23 1.70 -10.63
CA LYS B 54 20.28 2.67 -11.74
C LYS B 54 19.10 2.50 -12.68
N ASN B 55 18.69 1.26 -13.00
CA ASN B 55 17.51 1.05 -13.83
C ASN B 55 16.23 1.47 -13.12
N MET B 56 16.22 1.42 -11.78
CA MET B 56 15.08 1.93 -11.05
C MET B 56 14.95 3.46 -11.17
N VAL B 57 16.06 4.16 -11.43
CA VAL B 57 15.99 5.61 -11.62
C VAL B 57 15.13 5.95 -12.82
N TYR B 58 15.43 5.33 -13.97
CA TYR B 58 14.66 5.54 -15.19
C TYR B 58 13.19 5.17 -14.98
N ALA B 59 12.93 4.00 -14.38
CA ALA B 59 11.56 3.59 -14.09
C ALA B 59 10.85 4.63 -13.23
N MET B 60 11.55 5.15 -12.22
CA MET B 60 11.02 6.20 -11.37
C MET B 60 10.67 7.43 -12.20
N ARG B 61 11.59 7.82 -13.08
CA ARG B 61 11.37 8.96 -13.95
C ARG B 61 10.18 8.71 -14.86
N TYR B 62 10.09 7.51 -15.45
CA TYR B 62 9.00 7.20 -16.34
C TYR B 62 7.67 7.29 -15.62
N TRP B 63 7.57 6.65 -14.45
CA TRP B 63 6.28 6.58 -13.77
C TRP B 63 5.82 7.98 -13.32
N SER B 64 6.77 8.84 -12.96
CA SER B 64 6.46 10.23 -12.67
C SER B 64 5.81 10.88 -13.87
N ARG B 65 6.44 10.75 -15.02
CA ARG B 65 5.88 11.24 -16.28
C ARG B 65 4.53 10.59 -16.57
N ALA B 66 4.44 9.27 -16.40
CA ALA B 66 3.25 8.54 -16.82
C ALA B 66 2.04 8.94 -15.99
N PHE B 67 2.23 9.13 -14.68
CA PHE B 67 1.16 9.52 -13.79
C PHE B 67 0.87 11.00 -13.84
N LYS B 68 1.45 11.71 -14.81
CA LYS B 68 1.27 13.17 -14.95
C LYS B 68 1.69 13.90 -13.68
N LEU B 69 2.70 13.37 -12.99
CA LEU B 69 3.32 14.05 -11.86
C LEU B 69 4.50 14.92 -12.25
N THR B 70 5.04 14.75 -13.47
CA THR B 70 6.09 15.62 -13.99
C THR B 70 5.91 15.73 -15.50
N ARG B 71 6.50 16.79 -16.04
CA ARG B 71 6.63 16.99 -17.46
C ARG B 71 8.11 17.16 -17.76
N GLU B 72 8.53 16.79 -18.96
CA GLU B 72 9.92 16.90 -19.33
C GLU B 72 10.09 17.86 -20.48
N HIS B 73 11.25 18.53 -20.50
CA HIS B 73 11.58 19.54 -21.51
C HIS B 73 13.08 19.79 -21.43
N TYR B 74 13.64 20.27 -22.54
CA TYR B 74 15.06 20.56 -22.65
C TYR B 74 15.47 21.71 -21.71
N GLY B 75 16.80 21.85 -21.52
CA GLY B 75 17.39 23.16 -21.27
C GLY B 75 17.22 24.05 -22.51
N ASP B 76 17.58 25.32 -22.42
CA ASP B 76 18.60 25.90 -21.57
C ASP B 76 17.97 26.98 -20.65
N ASP B 77 18.64 27.54 -19.61
CA ASP B 77 20.08 27.54 -19.27
C ASP B 77 20.84 26.24 -19.50
N THR B 78 21.99 26.38 -20.15
CA THR B 78 22.71 25.29 -20.79
C THR B 78 23.76 24.80 -19.80
N ASN B 79 23.81 23.51 -19.46
CA ASN B 79 22.93 22.34 -19.77
C ASN B 79 22.95 21.91 -21.23
N SER B 80 21.88 21.27 -21.72
CA SER B 80 22.07 20.52 -22.95
C SER B 80 20.74 20.30 -23.64
N ARG B 81 20.68 19.28 -24.49
CA ARG B 81 19.44 18.63 -24.90
C ARG B 81 18.83 17.81 -23.78
N ALA B 82 19.48 17.78 -22.60
CA ALA B 82 19.04 16.99 -21.47
C ALA B 82 17.58 17.25 -21.14
N MET B 83 16.79 16.18 -21.11
CA MET B 83 15.37 16.30 -20.81
C MET B 83 15.22 16.33 -19.29
N LEU B 84 15.09 17.53 -18.75
CA LEU B 84 14.93 17.72 -17.32
C LEU B 84 13.46 17.53 -16.96
N SER B 85 13.21 17.24 -15.70
CA SER B 85 11.86 17.01 -15.21
C SER B 85 11.38 18.15 -14.33
N TYR B 86 10.08 18.41 -14.40
CA TYR B 86 9.45 19.52 -13.70
C TYR B 86 8.15 19.01 -13.11
N PRO B 87 7.90 19.27 -11.84
CA PRO B 87 6.67 18.76 -11.20
C PRO B 87 5.43 19.48 -11.72
N THR B 88 4.35 18.73 -11.87
CA THR B 88 3.10 19.34 -12.28
C THR B 88 2.35 19.89 -11.07
N TRP B 89 1.41 20.79 -11.33
CA TRP B 89 0.56 21.31 -10.26
C TRP B 89 -0.22 20.17 -9.58
N GLU B 90 -0.67 19.19 -10.35
CA GLU B 90 -1.34 18.01 -9.80
C GLU B 90 -0.45 17.25 -8.79
N ALA B 91 0.85 17.12 -9.09
CA ALA B 91 1.77 16.56 -8.12
C ALA B 91 1.84 17.40 -6.84
N ARG B 92 1.94 18.73 -7.00
CA ARG B 92 1.94 19.61 -5.84
C ARG B 92 0.64 19.49 -5.06
N TRP B 93 -0.47 19.32 -5.76
CA TRP B 93 -1.77 19.17 -5.13
C TRP B 93 -1.87 17.87 -4.37
N LEU B 94 -1.31 16.79 -4.91
CA LEU B 94 -1.60 15.46 -4.36
C LEU B 94 -0.56 14.99 -3.36
N LEU B 95 0.73 15.06 -3.72
CA LEU B 95 1.79 14.32 -3.07
C LEU B 95 2.60 15.16 -2.11
N ASP B 96 2.38 16.47 -2.09
CA ASP B 96 3.13 17.32 -1.19
C ASP B 96 2.78 16.96 0.25
N GLU B 97 3.73 17.16 1.15
CA GLU B 97 3.45 16.90 2.56
C GLU B 97 2.22 17.66 3.03
N ASP B 98 1.93 18.79 2.40
CA ASP B 98 0.74 19.57 2.69
C ASP B 98 -0.43 19.25 1.74
N GLY B 99 -0.30 18.24 0.87
CA GLY B 99 -1.26 18.00 -0.19
C GLY B 99 -2.46 17.17 0.22
N ALA B 100 -3.16 16.66 -0.81
CA ALA B 100 -4.43 15.94 -0.62
C ALA B 100 -4.23 14.60 0.07
N ASP B 101 -3.20 13.85 -0.34
CA ASP B 101 -3.01 12.49 0.14
C ASP B 101 -1.57 12.04 -0.09
N PRO B 102 -0.59 12.67 0.59
CA PRO B 102 0.82 12.38 0.29
C PRO B 102 1.23 10.92 0.48
N TYR B 103 0.54 10.17 1.33
CA TYR B 103 0.90 8.79 1.58
C TYR B 103 -0.09 7.80 1.00
N LEU B 104 -0.95 8.26 0.07
CA LEU B 104 -1.93 7.42 -0.62
C LEU B 104 -2.73 6.58 0.37
N GLU B 105 -3.26 7.24 1.41
CA GLU B 105 -4.03 6.56 2.44
C GLU B 105 -5.42 6.18 1.98
N GLU B 106 -5.95 6.87 0.98
CA GLU B 106 -7.31 6.68 0.51
C GLU B 106 -7.30 5.98 -0.83
N LEU B 107 -8.16 4.97 -0.98
CA LEU B 107 -8.19 4.22 -2.22
C LEU B 107 -8.63 5.06 -3.40
N GLY B 108 -9.42 6.11 -3.16
CA GLY B 108 -9.77 7.01 -4.25
C GLY B 108 -8.58 7.71 -4.86
N SER B 109 -7.47 7.84 -4.11
CA SER B 109 -6.27 8.44 -4.67
C SER B 109 -5.61 7.53 -5.67
N LEU B 110 -5.62 6.21 -5.42
CA LEU B 110 -5.14 5.25 -6.39
C LEU B 110 -6.02 5.22 -7.63
N TRP B 111 -7.34 5.30 -7.44
CA TRP B 111 -8.22 5.37 -8.60
C TRP B 111 -7.92 6.62 -9.40
N LEU B 112 -7.59 7.72 -8.72
CA LEU B 112 -7.25 8.97 -9.39
C LEU B 112 -5.96 8.82 -10.19
N LEU B 113 -4.92 8.28 -9.57
CA LEU B 113 -3.66 8.11 -10.29
C LEU B 113 -3.85 7.19 -11.49
N HIS B 114 -4.69 6.15 -11.33
CA HIS B 114 -5.03 5.29 -12.45
C HIS B 114 -5.70 6.08 -13.58
N TRP B 115 -6.58 7.02 -13.23
CA TRP B 115 -7.21 7.85 -14.26
C TRP B 115 -6.17 8.69 -14.99
N TRP B 116 -5.20 9.24 -14.26
CA TRP B 116 -4.21 10.09 -14.91
C TRP B 116 -3.31 9.27 -15.83
N LEU B 117 -3.04 8.02 -15.49
CA LEU B 117 -2.19 7.17 -16.31
C LEU B 117 -2.86 6.89 -17.67
N LEU B 118 -4.18 6.66 -17.65
CA LEU B 118 -4.96 6.45 -18.86
C LEU B 118 -5.41 7.73 -19.56
N SER B 119 -5.38 8.88 -18.88
CA SER B 119 -6.07 10.06 -19.41
C SER B 119 -5.28 10.72 -20.52
N SER B 120 -5.99 11.47 -21.36
CA SER B 120 -5.33 12.18 -22.44
C SER B 120 -6.21 13.34 -22.85
N ARG B 121 -5.59 14.36 -23.41
CA ARG B 121 -6.30 15.53 -23.92
C ARG B 121 -5.37 16.27 -24.87
N PRO B 122 -5.86 17.20 -25.68
CA PRO B 122 -4.95 17.98 -26.54
C PRO B 122 -3.91 18.68 -25.69
N GLY B 123 -2.64 18.51 -26.08
CA GLY B 123 -1.53 19.04 -25.31
C GLY B 123 -0.95 18.11 -24.26
N THR B 124 -1.66 17.01 -23.91
CA THR B 124 -1.27 16.13 -22.81
C THR B 124 -1.77 14.68 -23.07
N LYS B 125 -1.00 13.93 -23.85
CA LYS B 125 -1.37 12.55 -24.15
C LYS B 125 -0.85 11.56 -23.09
N SER B 126 -1.35 10.32 -23.14
CA SER B 126 -0.95 9.32 -22.16
C SER B 126 0.46 8.79 -22.48
N TRP B 127 1.19 8.40 -21.45
CA TRP B 127 2.51 7.83 -21.68
C TRP B 127 2.48 6.32 -21.58
N ALA B 128 1.30 5.72 -21.56
CA ALA B 128 1.15 4.26 -21.39
C ALA B 128 0.23 3.71 -22.48
N PRO B 129 0.66 3.76 -23.75
CA PRO B 129 -0.20 3.26 -24.83
C PRO B 129 -0.64 1.83 -24.62
N SER B 130 0.19 0.97 -24.00
CA SER B 130 -0.24 -0.41 -23.79
C SER B 130 -1.34 -0.49 -22.75
N TRP B 131 -1.28 0.37 -21.72
CA TRP B 131 -2.38 0.47 -20.76
C TRP B 131 -3.64 0.98 -21.44
N TYR B 132 -3.50 1.98 -22.31
CA TYR B 132 -4.66 2.57 -22.98
C TYR B 132 -5.36 1.57 -23.88
N VAL B 133 -4.59 0.84 -24.71
CA VAL B 133 -5.19 -0.23 -25.52
C VAL B 133 -5.94 -1.22 -24.62
N ALA B 134 -5.25 -1.71 -23.58
CA ALA B 134 -5.82 -2.75 -22.72
C ALA B 134 -7.17 -2.33 -22.13
N PHE B 135 -7.27 -1.11 -21.60
CA PHE B 135 -8.51 -0.72 -20.91
C PHE B 135 -9.54 -0.10 -21.84
N HIS B 136 -9.11 0.63 -22.87
CA HIS B 136 -10.05 1.36 -23.71
C HIS B 136 -10.33 0.73 -25.07
N LEU B 137 -9.42 -0.11 -25.61
CA LEU B 137 -9.58 -0.57 -26.99
C LEU B 137 -9.60 -2.07 -27.19
N ALA B 138 -9.25 -2.88 -26.19
CA ALA B 138 -9.10 -4.30 -26.43
C ALA B 138 -10.46 -4.96 -26.63
N PRO B 139 -10.53 -5.96 -27.49
CA PRO B 139 -11.84 -6.55 -27.81
C PRO B 139 -12.42 -7.43 -26.69
N PHE B 140 -11.57 -8.08 -25.90
CA PHE B 140 -12.02 -9.11 -24.98
C PHE B 140 -11.55 -8.84 -23.56
N SER B 141 -12.40 -9.20 -22.60
CA SER B 141 -12.13 -9.08 -21.17
C SER B 141 -11.23 -10.20 -20.62
N ARG B 142 -11.18 -11.36 -21.26
CA ARG B 142 -10.30 -12.46 -20.87
C ARG B 142 -9.27 -12.69 -21.97
N PHE B 143 -8.02 -12.98 -21.59
CA PHE B 143 -6.94 -13.09 -22.56
C PHE B 143 -5.77 -13.82 -21.94
N THR B 144 -4.95 -14.42 -22.81
CA THR B 144 -3.60 -14.74 -22.41
C THR B 144 -2.72 -13.52 -22.59
N LEU B 145 -1.57 -13.52 -21.92
CA LEU B 145 -0.64 -12.42 -22.06
C LEU B 145 -0.17 -12.29 -23.51
N ALA B 146 0.01 -13.42 -24.20
CA ALA B 146 0.36 -13.37 -25.62
C ALA B 146 -0.81 -12.87 -26.47
N ASP B 147 -2.06 -13.18 -26.10
CA ASP B 147 -3.16 -12.62 -26.88
C ASP B 147 -3.24 -11.10 -26.70
N LEU B 148 -3.17 -10.61 -25.46
CA LEU B 148 -3.20 -9.16 -25.26
C LEU B 148 -2.01 -8.48 -25.94
N THR B 149 -0.81 -9.06 -25.79
CA THR B 149 0.37 -8.59 -26.52
C THR B 149 0.08 -8.43 -28.01
N GLN B 150 -0.53 -9.45 -28.63
CA GLN B 150 -0.81 -9.37 -30.06
C GLN B 150 -1.80 -8.25 -30.36
N VAL B 151 -2.79 -8.08 -29.48
CA VAL B 151 -3.78 -7.01 -29.69
C VAL B 151 -3.10 -5.65 -29.72
N ILE B 152 -2.19 -5.39 -28.78
CA ILE B 152 -1.52 -4.07 -28.75
C ILE B 152 -0.63 -3.90 -29.96
N VAL B 153 0.10 -4.95 -30.36
CA VAL B 153 0.95 -4.90 -31.55
C VAL B 153 0.16 -4.41 -32.77
N ARG B 154 -1.03 -4.99 -32.98
CA ARG B 154 -1.84 -4.65 -34.15
C ARG B 154 -2.31 -3.21 -34.09
N HIS B 155 -2.60 -2.71 -32.88
CA HIS B 155 -3.00 -1.30 -32.72
C HIS B 155 -1.84 -0.37 -32.93
N VAL B 156 -0.66 -0.73 -32.40
CA VAL B 156 0.52 0.09 -32.62
C VAL B 156 0.87 0.14 -34.11
N ASN B 157 0.69 -0.98 -34.83
CA ASN B 157 1.06 -1.04 -36.24
C ASN B 157 0.18 -0.11 -37.09
N LEU B 158 -1.09 0.01 -36.75
CA LEU B 158 -1.98 0.88 -37.51
C LEU B 158 -1.93 2.33 -37.05
N SER B 159 -1.36 2.62 -35.88
CA SER B 159 -1.37 3.94 -35.29
C SER B 159 -0.05 4.68 -35.39
N PHE B 160 1.09 3.97 -35.28
CA PHE B 160 2.35 4.69 -35.24
C PHE B 160 3.18 4.37 -36.48
N PRO B 161 3.95 5.34 -36.99
CA PRO B 161 4.76 5.07 -38.18
C PRO B 161 5.86 4.08 -37.91
N GLU B 162 6.33 4.01 -36.68
CA GLU B 162 7.53 3.23 -36.37
C GLU B 162 7.32 1.75 -36.68
N GLY B 163 6.30 1.15 -36.09
CA GLY B 163 6.13 -0.29 -36.22
C GLY B 163 6.51 -0.99 -34.93
N PRO B 164 5.75 -2.02 -34.57
CA PRO B 164 5.73 -2.48 -33.16
C PRO B 164 6.99 -3.21 -32.74
N VAL B 165 7.41 -2.96 -31.50
CA VAL B 165 8.45 -3.75 -30.85
C VAL B 165 7.73 -4.75 -29.94
N GLU B 166 7.53 -5.95 -30.48
CA GLU B 166 6.81 -6.99 -29.76
C GLU B 166 7.39 -7.28 -28.38
N ALA B 167 8.72 -7.35 -28.27
CA ALA B 167 9.34 -7.70 -26.99
C ALA B 167 9.07 -6.64 -25.94
N SER B 168 8.99 -5.38 -26.33
CA SER B 168 8.74 -4.31 -25.41
C SER B 168 7.26 -4.29 -25.00
N ILE B 169 6.37 -4.53 -25.95
CA ILE B 169 4.94 -4.60 -25.67
C ILE B 169 4.66 -5.79 -24.76
N ALA B 170 5.33 -6.93 -25.01
CA ALA B 170 5.20 -8.05 -24.08
C ALA B 170 5.62 -7.65 -22.66
N LYS B 171 6.62 -6.80 -22.54
CA LYS B 171 7.05 -6.37 -21.21
C LYS B 171 6.00 -5.46 -20.55
N ASP B 172 5.32 -4.63 -21.34
CA ASP B 172 4.20 -3.86 -20.80
C ASP B 172 3.14 -4.79 -20.24
N VAL B 173 2.83 -5.88 -20.95
CA VAL B 173 1.75 -6.77 -20.54
C VAL B 173 2.12 -7.49 -19.24
N ASP B 174 3.36 -8.00 -19.13
CA ASP B 174 3.85 -8.47 -17.84
C ASP B 174 3.63 -7.41 -16.75
N CYS B 175 3.87 -6.15 -17.08
CA CYS B 175 3.92 -5.15 -16.00
C CYS B 175 2.50 -4.72 -15.59
N ILE B 176 1.58 -4.61 -16.55
CA ILE B 176 0.16 -4.45 -16.26
C ILE B 176 -0.30 -5.53 -15.29
N THR B 177 0.00 -6.79 -15.63
CA THR B 177 -0.33 -7.90 -14.76
C THR B 177 0.17 -7.70 -13.34
N LYS B 178 1.45 -7.30 -13.18
CA LYS B 178 2.02 -7.12 -11.85
C LYS B 178 1.38 -5.95 -11.13
N MET B 179 0.96 -4.94 -11.88
CA MET B 179 0.40 -3.73 -11.34
C MET B 179 -1.02 -3.94 -10.80
N TYR B 180 -1.81 -4.79 -11.43
CA TYR B 180 -3.22 -4.90 -11.06
C TYR B 180 -3.63 -6.22 -10.43
N VAL B 181 -2.82 -7.27 -10.52
CA VAL B 181 -3.30 -8.60 -10.11
C VAL B 181 -2.78 -8.92 -8.71
N PRO B 182 -3.54 -9.61 -7.86
CA PRO B 182 -3.03 -10.00 -6.54
C PRO B 182 -1.71 -10.77 -6.64
N ALA B 183 -0.86 -10.54 -5.64
CA ALA B 183 0.48 -11.13 -5.62
C ALA B 183 0.46 -12.63 -5.42
N GLN B 184 -0.62 -13.18 -4.86
CA GLN B 184 -0.72 -14.62 -4.77
C GLN B 184 -0.77 -15.29 -6.14
N ARG B 185 -1.10 -14.53 -7.18
CA ARG B 185 -1.08 -15.01 -8.57
C ARG B 185 0.16 -14.51 -9.30
N LEU B 186 1.34 -14.73 -8.71
CA LEU B 186 2.61 -14.29 -9.28
C LEU B 186 3.70 -15.23 -8.77
N ARG B 187 4.70 -15.49 -9.61
CA ARG B 187 5.77 -16.44 -9.29
C ARG B 187 7.11 -15.70 -9.28
N GLY B 188 7.76 -15.64 -8.12
CA GLY B 188 8.98 -14.89 -7.96
C GLY B 188 10.22 -15.70 -7.64
N GLY B 189 10.54 -16.67 -8.50
CA GLY B 189 11.75 -17.48 -8.36
C GLY B 189 12.03 -18.05 -6.97
N GLU B 195 13.04 -12.65 -0.67
CA GLU B 195 12.37 -13.13 -1.87
C GLU B 195 11.88 -11.90 -2.63
N ASP B 196 11.62 -12.07 -3.93
CA ASP B 196 11.56 -10.89 -4.77
C ASP B 196 10.30 -10.05 -4.55
N LEU B 197 9.18 -10.65 -4.13
CA LEU B 197 7.87 -10.03 -4.44
C LEU B 197 7.68 -8.69 -3.77
N LEU B 198 7.38 -7.69 -4.59
CA LEU B 198 7.15 -6.30 -4.20
C LEU B 198 5.65 -6.03 -4.02
N SER B 199 5.36 -5.10 -3.14
CA SER B 199 4.03 -4.51 -3.00
C SER B 199 3.70 -3.63 -4.21
N CYS B 200 2.41 -3.54 -4.54
CA CYS B 200 2.02 -2.54 -5.54
C CYS B 200 0.62 -2.08 -5.20
N PRO B 201 0.43 -0.81 -4.85
CA PRO B 201 -0.84 -0.40 -4.27
C PRO B 201 -2.00 -0.44 -5.23
N PHE B 202 -1.76 -0.48 -6.54
CA PHE B 202 -2.87 -0.55 -7.48
C PHE B 202 -3.53 -1.92 -7.51
N ARG B 203 -2.97 -2.93 -6.85
CA ARG B 203 -3.66 -4.22 -6.74
C ARG B 203 -4.92 -4.11 -5.91
N GLU B 204 -4.99 -3.09 -5.03
CA GLU B 204 -6.15 -2.93 -4.15
C GLU B 204 -7.39 -2.51 -4.92
N LEU B 205 -7.23 -2.06 -6.17
CA LEU B 205 -8.37 -1.70 -6.99
C LEU B 205 -9.12 -2.90 -7.54
N GLY B 206 -8.57 -4.11 -7.41
CA GLY B 206 -9.26 -5.31 -7.89
C GLY B 206 -9.70 -5.27 -9.34
N LEU B 207 -8.87 -4.70 -10.23
CA LEU B 207 -9.29 -4.57 -11.63
C LEU B 207 -9.04 -5.80 -12.47
N MET B 208 -8.20 -6.72 -12.01
CA MET B 208 -7.71 -7.81 -12.84
C MET B 208 -7.48 -9.04 -11.96
N GLU B 209 -7.78 -10.21 -12.52
CA GLU B 209 -7.67 -11.48 -11.82
C GLU B 209 -7.10 -12.54 -12.76
N GLN B 210 -6.40 -13.51 -12.17
CA GLN B 210 -6.06 -14.76 -12.82
C GLN B 210 -7.33 -15.59 -13.04
N VAL B 211 -7.35 -16.40 -14.11
CA VAL B 211 -8.51 -17.24 -14.43
C VAL B 211 -8.15 -18.71 -14.27
N GLY B 212 -9.10 -19.49 -13.76
CA GLY B 212 -9.01 -20.95 -13.78
C GLY B 212 -7.77 -21.50 -13.13
N GLN B 213 -7.40 -20.94 -11.98
CA GLN B 213 -6.03 -20.96 -11.47
C GLN B 213 -5.42 -22.34 -11.33
N ARG B 214 -4.55 -22.69 -12.29
CA ARG B 214 -3.52 -23.70 -12.08
C ARG B 214 -2.26 -23.16 -11.37
N GLY B 215 -1.87 -21.89 -11.52
CA GLY B 215 -2.49 -20.82 -12.29
C GLY B 215 -2.52 -21.01 -13.80
N SER B 216 -3.71 -20.94 -14.38
CA SER B 216 -3.84 -21.15 -15.81
C SER B 216 -3.24 -19.96 -16.58
N SER B 217 -3.11 -20.13 -17.89
CA SER B 217 -2.46 -19.16 -18.76
C SER B 217 -3.30 -17.90 -18.99
N GLU B 218 -4.54 -17.85 -18.51
CA GLU B 218 -5.47 -16.78 -18.85
C GLU B 218 -5.64 -15.79 -17.70
N TRP B 219 -5.96 -14.55 -18.06
CA TRP B 219 -6.19 -13.44 -17.14
C TRP B 219 -7.43 -12.70 -17.60
N GLU B 220 -8.01 -11.90 -16.70
CA GLU B 220 -9.17 -11.12 -17.13
C GLU B 220 -9.36 -9.90 -16.25
N PHE B 221 -9.95 -8.86 -16.84
CA PHE B 221 -10.41 -7.70 -16.09
C PHE B 221 -11.77 -8.01 -15.46
N THR B 222 -11.96 -7.51 -14.24
CA THR B 222 -13.15 -7.81 -13.46
C THR B 222 -14.31 -6.90 -13.87
N SER B 223 -15.49 -7.16 -13.32
CA SER B 223 -16.63 -6.32 -13.69
C SER B 223 -17.67 -6.21 -12.57
N GLY B 224 -17.25 -6.25 -11.32
CA GLY B 224 -18.18 -6.08 -10.22
C GLY B 224 -18.49 -4.63 -9.90
N SER B 225 -19.01 -4.43 -8.71
CA SER B 225 -19.15 -3.08 -8.19
C SER B 225 -17.83 -2.63 -7.57
N ARG B 226 -17.67 -1.31 -7.44
CA ARG B 226 -16.41 -0.69 -7.00
C ARG B 226 -16.63 0.06 -5.70
N PRO B 227 -16.80 -0.64 -4.57
CA PRO B 227 -17.02 0.07 -3.31
C PRO B 227 -15.87 0.98 -2.95
N SER B 228 -14.67 0.76 -3.47
CA SER B 228 -13.55 1.63 -3.12
C SER B 228 -13.47 2.86 -4.00
N LEU B 229 -14.33 3.00 -5.02
CA LEU B 229 -14.23 4.13 -5.94
C LEU B 229 -15.20 5.22 -5.49
N PRO B 230 -14.74 6.33 -4.93
CA PRO B 230 -15.67 7.36 -4.43
C PRO B 230 -16.41 8.09 -5.55
N ALA B 231 -17.65 8.45 -5.23
CA ALA B 231 -18.50 9.16 -6.17
C ALA B 231 -17.82 10.41 -6.74
N ARG B 232 -17.14 11.16 -5.89
CA ARG B 232 -16.51 12.39 -6.37
C ARG B 232 -15.34 12.09 -7.28
N ILE B 233 -14.72 10.92 -7.17
CA ILE B 233 -13.66 10.55 -8.11
C ILE B 233 -14.27 10.26 -9.48
N ILE B 234 -15.38 9.53 -9.52
CA ILE B 234 -16.10 9.33 -10.78
C ILE B 234 -16.55 10.67 -11.36
N ALA B 235 -17.16 11.51 -10.52
CA ALA B 235 -17.66 12.79 -11.03
C ALA B 235 -16.52 13.65 -11.56
N TYR B 236 -15.38 13.72 -10.85
CA TYR B 236 -14.21 14.43 -11.36
C TYR B 236 -13.83 13.93 -12.76
N ALA B 237 -13.69 12.60 -12.92
CA ALA B 237 -13.23 12.06 -14.20
C ALA B 237 -14.23 12.35 -15.32
N CYS B 238 -15.54 12.25 -15.04
CA CYS B 238 -16.53 12.58 -16.06
C CYS B 238 -16.44 14.04 -16.51
N LEU B 239 -16.17 14.96 -15.57
CA LEU B 239 -16.12 16.37 -15.94
C LEU B 239 -14.79 16.70 -16.60
N ASP B 240 -13.72 16.06 -16.13
CA ASP B 240 -12.41 16.12 -16.79
C ASP B 240 -12.46 15.52 -18.20
N TYR B 241 -13.25 14.45 -18.40
CA TYR B 241 -13.41 13.90 -19.75
C TYR B 241 -14.20 14.85 -20.64
N ALA B 242 -15.30 15.43 -20.13
CA ALA B 242 -16.05 16.44 -20.87
C ALA B 242 -15.18 17.64 -21.21
N ALA B 243 -14.25 18.02 -20.33
CA ALA B 243 -13.38 19.17 -20.57
C ALA B 243 -12.32 18.92 -21.64
N ARG B 244 -12.20 17.69 -22.14
CA ARG B 244 -11.31 17.45 -23.28
C ARG B 244 -11.75 18.22 -24.51
N THR B 245 -13.05 18.48 -24.65
CA THR B 245 -13.57 19.11 -25.85
C THR B 245 -14.39 20.37 -25.61
N THR B 246 -14.57 20.82 -24.37
CA THR B 246 -15.35 22.03 -24.14
C THR B 246 -14.89 22.76 -22.89
N ARG B 247 -14.91 24.10 -22.97
CA ARG B 247 -14.49 24.95 -21.87
C ARG B 247 -15.63 25.81 -21.33
N ASN B 248 -16.85 25.65 -21.84
CA ASN B 248 -18.01 26.44 -21.40
C ASN B 248 -19.10 25.52 -20.88
N ALA B 249 -20.18 26.14 -20.38
CA ALA B 249 -21.38 25.41 -20.00
C ALA B 249 -21.76 24.39 -21.05
N GLY B 250 -22.45 23.34 -20.64
CA GLY B 250 -22.90 22.38 -21.63
C GLY B 250 -23.27 21.07 -20.98
N SER B 251 -23.19 20.01 -21.77
CA SER B 251 -23.64 18.71 -21.31
C SER B 251 -22.84 17.60 -21.97
N ILE B 252 -22.97 16.41 -21.41
CA ILE B 252 -22.42 15.20 -22.02
C ILE B 252 -23.33 14.03 -21.64
N SER B 253 -23.59 13.17 -22.62
CA SER B 253 -24.48 12.05 -22.38
C SER B 253 -23.81 10.98 -21.51
N LEU B 254 -24.61 10.32 -20.68
CA LEU B 254 -24.06 9.25 -19.87
C LEU B 254 -23.64 8.07 -20.72
N ALA B 255 -24.33 7.85 -21.85
CA ALA B 255 -23.94 6.75 -22.75
C ALA B 255 -22.50 6.92 -23.20
N ARG B 256 -22.11 8.13 -23.58
CA ARG B 256 -20.73 8.40 -23.97
C ARG B 256 -19.77 8.23 -22.81
N LEU B 257 -20.17 8.62 -21.60
CA LEU B 257 -19.29 8.45 -20.46
C LEU B 257 -19.07 6.98 -20.15
N ALA B 258 -20.11 6.16 -20.36
CA ALA B 258 -20.03 4.77 -20.04
C ALA B 258 -19.29 3.95 -21.10
N ASN B 259 -19.31 4.39 -22.37
CA ASN B 259 -18.85 3.53 -23.46
C ASN B 259 -17.78 4.10 -24.38
N GLU B 260 -17.58 5.40 -24.42
CA GLU B 260 -16.60 5.94 -25.35
C GLU B 260 -15.20 5.50 -24.91
N PRO B 261 -14.31 5.20 -25.87
CA PRO B 261 -12.91 4.94 -25.50
C PRO B 261 -12.27 6.20 -24.93
N GLY B 262 -11.65 6.05 -23.77
CA GLY B 262 -11.06 7.17 -23.05
C GLY B 262 -11.84 7.63 -21.84
N ALA B 263 -13.11 7.26 -21.75
CA ALA B 263 -14.05 7.79 -20.76
C ALA B 263 -14.00 6.97 -19.48
N PRO B 264 -14.64 7.44 -18.39
CA PRO B 264 -14.52 6.73 -17.10
C PRO B 264 -15.13 5.33 -17.08
N GLY B 265 -16.16 5.05 -17.90
CA GLY B 265 -16.73 3.71 -17.91
C GLY B 265 -15.71 2.62 -18.20
N ARG B 266 -14.91 2.79 -19.24
CA ARG B 266 -13.87 1.80 -19.50
C ARG B 266 -12.65 1.97 -18.59
N ALA B 267 -12.32 3.20 -18.17
CA ALA B 267 -11.14 3.36 -17.31
C ALA B 267 -11.36 2.69 -15.96
N PHE B 268 -12.55 2.83 -15.41
CA PHE B 268 -12.89 2.29 -14.11
C PHE B 268 -13.62 0.96 -14.21
N ARG B 269 -13.95 0.51 -15.41
CA ARG B 269 -14.77 -0.68 -15.64
C ARG B 269 -16.03 -0.66 -14.78
N ILE B 270 -16.85 0.37 -15.01
CA ILE B 270 -18.11 0.50 -14.29
C ILE B 270 -19.24 0.71 -15.28
N ARG B 271 -20.44 0.28 -14.88
CA ARG B 271 -21.61 0.35 -15.74
C ARG B 271 -22.21 1.75 -15.74
N GLU B 272 -23.01 2.02 -16.77
CA GLU B 272 -23.69 3.30 -16.88
C GLU B 272 -24.43 3.64 -15.59
N ALA B 273 -25.06 2.65 -14.97
CA ALA B 273 -25.85 2.90 -13.76
C ALA B 273 -24.98 3.38 -12.60
N ASP B 274 -23.78 2.80 -12.45
CA ASP B 274 -22.87 3.25 -11.40
C ASP B 274 -22.37 4.66 -11.68
N ILE B 275 -22.24 5.06 -12.95
CA ILE B 275 -21.84 6.43 -13.21
C ILE B 275 -22.96 7.38 -12.81
N ALA B 276 -24.19 7.09 -13.26
CA ALA B 276 -25.34 7.92 -12.88
C ALA B 276 -25.47 8.04 -11.37
N ALA B 277 -25.29 6.92 -10.66
CA ALA B 277 -25.42 6.94 -9.21
C ALA B 277 -24.39 7.85 -8.57
N ALA B 278 -23.16 7.85 -9.09
CA ALA B 278 -22.14 8.76 -8.56
C ALA B 278 -22.48 10.20 -8.89
N LEU B 279 -22.90 10.46 -10.13
CA LEU B 279 -23.19 11.82 -10.53
C LEU B 279 -24.38 12.39 -9.76
N GLU B 280 -25.41 11.57 -9.53
CA GLU B 280 -26.56 12.00 -8.74
C GLU B 280 -26.13 12.38 -7.34
N LYS B 281 -25.34 11.53 -6.69
CA LYS B 281 -24.87 11.83 -5.33
C LYS B 281 -24.07 13.14 -5.31
N VAL B 282 -23.20 13.36 -6.30
CA VAL B 282 -22.38 14.57 -6.31
C VAL B 282 -23.21 15.78 -6.70
N ALA B 283 -24.09 15.63 -7.70
CA ALA B 283 -24.97 16.74 -8.09
C ALA B 283 -25.75 17.31 -6.92
N ALA B 284 -26.16 16.46 -5.97
CA ALA B 284 -26.93 16.94 -4.83
C ALA B 284 -26.16 17.91 -3.94
N SER B 285 -24.83 17.97 -4.06
CA SER B 285 -24.00 18.91 -3.32
C SER B 285 -23.48 20.06 -4.17
N HIS B 286 -23.77 20.07 -5.47
CA HIS B 286 -23.24 21.10 -6.35
C HIS B 286 -24.36 21.65 -7.21
N GLN B 287 -24.78 22.87 -6.88
CA GLN B 287 -25.88 23.50 -7.59
C GLN B 287 -25.66 23.51 -9.10
N GLU B 288 -24.41 23.70 -9.55
CA GLU B 288 -24.06 23.83 -10.97
C GLU B 288 -24.11 22.53 -11.75
N LEU B 289 -24.35 21.38 -11.11
CA LEU B 289 -24.35 20.11 -11.82
C LEU B 289 -25.70 19.45 -11.68
N GLN B 290 -26.20 18.85 -12.76
CA GLN B 290 -27.46 18.11 -12.71
C GLN B 290 -27.39 16.89 -13.60
N LEU B 291 -28.20 15.91 -13.26
CA LEU B 291 -28.54 14.82 -14.17
C LEU B 291 -29.91 15.13 -14.76
N VAL B 292 -30.01 15.16 -16.07
CA VAL B 292 -31.27 15.41 -16.73
C VAL B 292 -31.58 14.23 -17.65
N GLU B 293 -32.83 13.78 -17.62
CA GLU B 293 -33.28 12.73 -18.52
C GLU B 293 -34.02 13.40 -19.68
N ALA B 294 -33.53 13.17 -20.90
CA ALA B 294 -34.05 13.88 -22.05
C ALA B 294 -35.10 13.07 -22.81
N VAL B 295 -34.69 12.23 -23.77
CA VAL B 295 -35.57 11.81 -24.84
C VAL B 295 -35.91 10.30 -24.85
N GLY B 296 -35.60 9.50 -23.81
CA GLY B 296 -35.10 9.83 -22.49
C GLY B 296 -33.82 9.08 -22.16
N GLN B 297 -32.69 9.69 -22.54
CA GLN B 297 -31.37 9.31 -22.11
C GLN B 297 -30.90 10.33 -21.08
N ARG B 298 -30.11 9.89 -20.11
CA ARG B 298 -29.63 10.82 -19.10
C ARG B 298 -28.40 11.57 -19.61
N SER B 299 -28.31 12.84 -19.22
CA SER B 299 -27.17 13.68 -19.52
C SER B 299 -26.69 14.39 -18.27
N LEU B 300 -25.38 14.54 -18.18
CA LEU B 300 -24.74 15.41 -17.20
C LEU B 300 -24.68 16.81 -17.78
N THR B 301 -25.15 17.80 -17.02
CA THR B 301 -25.11 19.21 -17.40
C THR B 301 -24.27 19.99 -16.40
N PHE B 302 -23.66 21.07 -16.87
CA PHE B 302 -22.81 21.92 -16.06
C PHE B 302 -22.98 23.35 -16.53
N THR B 303 -23.23 24.26 -15.59
CA THR B 303 -23.57 25.64 -15.91
C THR B 303 -22.36 26.53 -16.12
N SER B 304 -21.14 26.02 -15.93
CA SER B 304 -19.93 26.69 -16.39
C SER B 304 -18.95 25.62 -16.85
N GLY B 305 -17.74 26.05 -17.21
CA GLY B 305 -16.74 25.16 -17.78
C GLY B 305 -16.47 23.93 -16.94
N PRO B 306 -16.43 22.76 -17.58
CA PRO B 306 -16.34 21.52 -16.81
C PRO B 306 -14.99 21.25 -16.16
N PHE B 307 -13.89 21.79 -16.69
CA PHE B 307 -12.58 21.59 -16.05
C PHE B 307 -12.56 22.16 -14.64
N ASP B 308 -12.99 23.43 -14.50
CA ASP B 308 -12.98 24.05 -13.17
C ASP B 308 -13.93 23.35 -12.21
N LEU B 309 -15.09 22.91 -12.68
CA LEU B 309 -15.99 22.22 -11.76
C LEU B 309 -15.42 20.86 -11.38
N ALA B 310 -14.73 20.20 -12.32
CA ALA B 310 -14.06 18.95 -11.98
C ALA B 310 -13.16 19.12 -10.77
N TRP B 311 -12.40 20.21 -10.72
CA TRP B 311 -11.45 20.39 -9.63
C TRP B 311 -12.11 20.89 -8.35
N ASP B 312 -13.29 21.50 -8.46
CA ASP B 312 -14.08 21.81 -7.26
C ASP B 312 -14.56 20.51 -6.59
N VAL B 313 -15.09 19.59 -7.40
CA VAL B 313 -15.52 18.29 -6.88
C VAL B 313 -14.33 17.48 -6.35
N LEU B 314 -13.21 17.47 -7.08
CA LEU B 314 -12.06 16.73 -6.59
C LEU B 314 -11.50 17.35 -5.31
N ASP B 315 -11.37 18.68 -5.26
CA ASP B 315 -10.79 19.28 -4.07
C ASP B 315 -11.68 19.05 -2.85
N GLU B 316 -13.00 19.01 -3.03
CA GLU B 316 -13.88 18.75 -1.90
C GLU B 316 -13.70 17.35 -1.32
N GLN B 317 -13.37 16.35 -2.15
CA GLN B 317 -13.09 15.00 -1.63
C GLN B 317 -11.95 15.02 -0.63
N TYR B 318 -11.01 15.95 -0.78
CA TYR B 318 -9.86 16.02 0.09
C TYR B 318 -9.89 17.25 0.99
N ASP B 319 -11.08 17.75 1.32
CA ASP B 319 -11.27 18.82 2.29
C ASP B 319 -10.65 20.14 1.82
N ASN B 320 -10.70 20.39 0.51
CA ASN B 320 -10.32 21.68 -0.07
C ASN B 320 -8.86 22.03 0.25
N VAL B 321 -7.96 21.27 -0.39
CA VAL B 321 -6.52 21.53 -0.27
C VAL B 321 -6.16 22.92 -0.78
N ARG B 322 -6.84 23.41 -1.82
CA ARG B 322 -6.45 24.68 -2.42
C ARG B 322 -6.73 25.88 -1.52
N SER B 323 -7.48 25.70 -0.42
CA SER B 323 -7.73 26.75 0.55
C SER B 323 -6.59 26.92 1.55
N ARG B 324 -5.65 25.98 1.60
CA ARG B 324 -4.68 25.95 2.68
C ARG B 324 -3.70 27.11 2.55
N PRO B 325 -3.03 27.47 3.65
CA PRO B 325 -2.08 28.59 3.61
C PRO B 325 -0.96 28.37 2.60
N ASN B 326 -0.70 29.40 1.80
CA ASN B 326 0.40 29.42 0.84
C ASN B 326 0.27 28.34 -0.23
N PHE B 327 -0.94 27.83 -0.48
CA PHE B 327 -1.10 26.87 -1.59
C PHE B 327 -1.03 27.61 -2.92
N PRO B 328 -0.12 27.25 -3.83
CA PRO B 328 -0.01 27.99 -5.09
C PRO B 328 -1.13 27.66 -6.07
N THR B 329 -1.53 28.66 -6.84
CA THR B 329 -2.48 28.45 -7.91
C THR B 329 -1.77 27.83 -9.11
N ARG B 330 -2.55 27.35 -10.07
CA ARG B 330 -1.97 26.83 -11.31
C ARG B 330 -1.14 27.90 -12.01
N GLU B 331 -1.62 29.16 -11.97
CA GLU B 331 -0.90 30.26 -12.58
C GLU B 331 0.37 30.59 -11.81
N ASP B 332 0.34 30.51 -10.47
CA ASP B 332 1.57 30.55 -9.67
C ASP B 332 2.55 29.48 -10.12
N TRP B 333 2.08 28.22 -10.17
CA TRP B 333 2.93 27.11 -10.59
C TRP B 333 3.45 27.30 -12.01
N ALA B 334 2.62 27.78 -12.93
CA ALA B 334 3.09 27.93 -14.30
C ALA B 334 4.23 28.95 -14.37
N ARG B 335 4.13 30.03 -13.60
CA ARG B 335 5.22 31.00 -13.58
C ARG B 335 6.45 30.45 -12.88
N ARG B 336 6.26 29.59 -11.88
CA ARG B 336 7.43 29.00 -11.23
C ARG B 336 8.14 28.02 -12.14
N TYR B 337 7.40 27.32 -12.99
CA TYR B 337 7.93 26.28 -13.86
C TYR B 337 7.42 26.53 -15.27
N PRO B 338 7.96 27.54 -15.97
CA PRO B 338 7.37 27.92 -17.26
C PRO B 338 7.50 26.85 -18.32
N LYS B 339 8.45 25.92 -18.15
CA LYS B 339 8.63 24.87 -19.12
C LYS B 339 7.45 23.88 -19.17
N LEU B 340 6.60 23.83 -18.13
CA LEU B 340 5.41 22.97 -18.23
C LEU B 340 4.52 23.41 -19.39
N ALA B 341 4.28 24.72 -19.51
CA ALA B 341 3.53 25.23 -20.65
C ALA B 341 4.28 25.04 -21.96
N GLU B 342 5.62 25.17 -21.94
CA GLU B 342 6.37 24.96 -23.17
CA GLU B 342 6.43 24.93 -23.14
C GLU B 342 6.31 23.50 -23.62
N ALA B 343 6.28 22.55 -22.67
CA ALA B 343 6.10 21.15 -23.04
C ALA B 343 4.72 20.91 -23.62
N GLU B 344 3.69 21.53 -23.04
CA GLU B 344 2.35 21.42 -23.60
C GLU B 344 2.30 21.99 -25.01
N LYS B 345 2.95 23.15 -25.24
CA LYS B 345 2.86 23.78 -26.54
C LYS B 345 3.48 22.91 -27.63
N ARG B 346 4.61 22.26 -27.36
CA ARG B 346 5.24 21.47 -28.40
C ARG B 346 4.43 20.21 -28.69
N GLU B 347 3.72 19.67 -27.69
CA GLU B 347 2.76 18.62 -27.99
C GLU B 347 1.65 19.14 -28.91
N LEU B 348 1.23 20.39 -28.69
CA LEU B 348 0.11 20.94 -29.47
C LEU B 348 0.52 21.23 -30.92
N LYS B 349 1.72 21.78 -31.14
CA LYS B 349 2.12 22.15 -32.49
C LYS B 349 2.54 20.94 -33.34
N GLN B 350 2.21 19.73 -32.91
CA GLN B 350 2.18 18.59 -33.82
C GLN B 350 0.79 18.40 -34.43
N LEU B 351 -0.26 18.72 -33.66
CA LEU B 351 -1.63 18.71 -34.18
C LEU B 351 -1.77 19.72 -35.32
#